data_9VFR
#
_entry.id   9VFR
#
_cell.length_a   1.00
_cell.length_b   1.00
_cell.length_c   1.00
_cell.angle_alpha   90.00
_cell.angle_beta   90.00
_cell.angle_gamma   90.00
#
_symmetry.space_group_name_H-M   'P 1'
#
loop_
_entity.id
_entity.type
_entity.pdbx_description
1 polymer 'Genome polyprotein'
2 polymer 'Genome polyprotein'
3 polymer 'Genome polyprotein'
4 polymer 'Genome polyprotein'
5 polymer 'Kremen protein 1'
6 non-polymer 'STEARIC ACID'
7 non-polymer 'MYRISTIC ACID'
8 non-polymer 2-acetamido-2-deoxy-beta-D-glucopyranose
#
loop_
_entity_poly.entity_id
_entity_poly.type
_entity_poly.pdbx_seq_one_letter_code
_entity_poly.pdbx_strand_id
1 'polypeptide(L)'
;NDPITNAVESAVSALADTTISRVTAANTAASTHSLGTGRVPALQAAETGASSNSSDENLIETRCVMNRNGVNEASVEHFY
SRAGLVGVVEVKDSGTSLDGYTVWPIDVMGFVQQRRKLELSTYMRFDAEFTFVSNLNNSTTPGMLLQYMYVPPGAPKPDS
RKSYQWQTATNPSVFAKLSDPPPQVSVPFMSPATAYQWFYDGYPTFGEHKQATNLQYGQCPNNMMGHFAIRTVSESTTGK
NIHVRVYMRIKHVRAWVPRPLRSQAYMVKNYPTYSQTITNTATDRASITTTDYEGGVPASPQRTS
;
A
2 'polypeptide(L)'
;SPSVEACGYSDRVAQLTVGNSTITTQEAANIVLSYGEWPEYCPSTDATAVDKPTRPDVSVNRFYTLSTKSWKTESTGWYW
KFPDVLNDTGVFGQNAQFHYLYRSGFCMHVQCNASKFHQGALLVAAIPEFVIAASSPATKPNSQGLYPDFAHTNPGKDGQ
EFRDPYVLDAGIPLSQALIFPHQWINLRTNNCATIIMPYINALPFDSALNHSNFGLVVIPISPLKYCNGATTEVPITLTI
APLNSEFSGLRQAIKQ
;
B
3 'polypeptide(L)'
;GFPTELKPGTNQFLTTDDGTSPPILPGFEPTPLIHIPGEFTSLLDLCQVETILEVNNTTGTTGVSRLLIPVRAQNNVDQL
CASFQVDPGRNGPWQSTMVGQICRYYTQWSGSLKVTFMFTGSFMATGKMLIAYTPPGSAQPTTREAAMLGTHIVWDFGLQ
SSVTLVIPWISNTHFRAVKTGGVYDYYATGIVTIWYQTNFVVPPDTPTEANIIALGAAQKNFTLKLCKDTDEIQQTAEYQ
;
C
4 'polypeptide(L)' MGAQVSTQKSGSHETRNVATEGSTINFTNINYYKDSYAASASRQDFAQDPAKFTRPVLDAIREAAAPLQ D
5 'polypeptide(L)'
;PECFTANGADYRGTQNWTALQGGKPCLFWNETFQHPYNTLKYPNGEGGLGEHNYCRNPDGDVSPWCYVAEHEDGVYWKYC
EIPACQMPGNLGCYKDHGNPPPLTGTSKTSNKLTIQTCISFCRSQRFKFAGMESGYACFCGNNPDYWKYGEAASTECNSV
CFGDHTQPCGGDGRIILFDTLVGACGGNYSAMSSVVYSPDFPDTYATGRVCYWTIRVPGASHIHFSFPLFDIRDSADMVE
LLDGYTHRVLARFHGRSRPPLSFNVSLDFVILYFFSDRINQAQGFAVLYQAVK
;
G
#
loop_
_chem_comp.id
_chem_comp.type
_chem_comp.name
_chem_comp.formula
MYR non-polymer 'MYRISTIC ACID' 'C14 H28 O2'
NAG D-saccharide, beta linking 2-acetamido-2-deoxy-beta-D-glucopyranose 'C8 H15 N O6'
STE non-polymer 'STEARIC ACID' 'C18 H36 O2'
#
# COMPACT_ATOMS: atom_id res chain seq x y z
N SER A 10 16.76 36.56 31.75
CA SER A 10 15.90 36.67 30.58
C SER A 10 15.64 35.29 29.98
N ALA A 11 15.61 35.23 28.65
CA ALA A 11 15.42 33.99 27.93
C ALA A 11 16.69 33.15 27.86
N VAL A 12 17.73 33.51 28.61
CA VAL A 12 18.93 32.68 28.67
C VAL A 12 18.66 31.35 29.35
N SER A 13 17.58 31.26 30.11
CA SER A 13 17.20 29.97 30.70
C SER A 13 16.74 28.99 29.62
N ALA A 14 16.15 29.49 28.55
CA ALA A 14 15.71 28.61 27.46
C ALA A 14 16.91 28.06 26.71
N LEU A 15 17.89 28.90 26.41
CA LEU A 15 19.09 28.45 25.71
C LEU A 15 19.92 27.49 26.56
N ALA A 16 19.75 27.51 27.89
CA ALA A 16 20.49 26.59 28.73
C ALA A 16 19.93 25.18 28.63
N ASP A 17 18.60 25.04 28.66
CA ASP A 17 17.96 23.74 28.57
C ASP A 17 17.59 23.41 27.12
N THR A 18 18.60 23.44 26.25
CA THR A 18 18.43 23.06 24.86
C THR A 18 19.11 21.75 24.50
N THR A 19 20.13 21.34 25.25
CA THR A 19 20.76 20.05 25.02
C THR A 19 19.79 18.93 25.38
N ILE A 20 19.92 17.81 24.68
CA ILE A 20 19.04 16.68 24.89
C ILE A 20 19.35 16.03 26.23
N SER A 21 18.35 15.93 27.08
CA SER A 21 18.50 15.25 28.36
C SER A 21 18.32 13.75 28.18
N ARG A 22 19.06 12.98 28.97
CA ARG A 22 19.03 11.52 28.86
C ARG A 22 17.88 10.96 29.69
N VAL A 23 16.94 10.32 29.01
CA VAL A 23 15.91 9.53 29.68
C VAL A 23 16.38 8.09 29.69
N THR A 24 16.48 7.50 30.87
CA THR A 24 17.04 6.18 31.02
C THR A 24 15.97 5.11 30.94
N ALA A 25 16.41 3.88 30.72
CA ALA A 25 15.51 2.74 30.65
C ALA A 25 15.05 2.34 32.05
N ALA A 26 14.13 1.37 32.09
CA ALA A 26 13.52 0.98 33.35
C ALA A 26 14.53 0.23 34.21
N ASN A 27 14.64 0.64 35.47
CA ASN A 27 15.50 -0.06 36.40
C ASN A 27 14.91 -1.41 36.75
N THR A 28 15.79 -2.36 37.08
CA THR A 28 15.38 -3.67 37.55
C THR A 28 15.49 -3.70 39.06
N ALA A 29 14.39 -4.05 39.73
CA ALA A 29 14.40 -4.15 41.16
C ALA A 29 14.90 -5.52 41.61
N ALA A 30 15.44 -5.57 42.82
CA ALA A 30 15.87 -6.84 43.38
C ALA A 30 14.67 -7.66 43.78
N SER A 31 14.69 -8.94 43.44
CA SER A 31 13.59 -9.84 43.73
C SER A 31 14.11 -11.10 44.39
N THR A 32 13.28 -11.69 45.23
CA THR A 32 13.59 -12.92 45.94
C THR A 32 12.67 -14.03 45.44
N HIS A 33 12.81 -15.20 46.06
CA HIS A 33 12.02 -16.34 45.66
C HIS A 33 10.59 -16.23 46.18
N SER A 34 9.66 -16.80 45.43
CA SER A 34 8.25 -16.78 45.77
C SER A 34 7.72 -18.20 45.75
N LEU A 35 7.23 -18.68 46.89
CA LEU A 35 6.67 -20.02 47.01
C LEU A 35 5.28 -19.88 47.61
N GLY A 36 4.27 -19.84 46.76
CA GLY A 36 2.90 -19.75 47.23
C GLY A 36 1.93 -20.03 46.11
N THR A 37 0.65 -19.83 46.41
CA THR A 37 -0.42 -20.03 45.46
C THR A 37 -1.10 -18.70 45.15
N GLY A 38 -1.88 -18.69 44.08
CA GLY A 38 -2.68 -17.55 43.71
C GLY A 38 -1.92 -16.41 43.07
N ARG A 39 -0.60 -16.38 43.20
CA ARG A 39 0.22 -15.34 42.61
C ARG A 39 0.92 -15.94 41.40
N VAL A 40 0.36 -15.71 40.21
CA VAL A 40 0.90 -16.28 38.99
C VAL A 40 1.25 -15.17 38.00
N PRO A 41 2.34 -14.44 38.21
CA PRO A 41 2.73 -13.42 37.25
C PRO A 41 3.22 -13.97 35.92
N ALA A 42 3.46 -15.27 35.82
CA ALA A 42 3.88 -15.87 34.56
C ALA A 42 2.71 -16.22 33.67
N LEU A 43 1.61 -16.70 34.26
CA LEU A 43 0.46 -17.12 33.47
C LEU A 43 -0.25 -15.90 32.90
N GLN A 44 -0.42 -15.90 31.58
CA GLN A 44 -1.04 -14.80 30.87
C GLN A 44 -2.18 -15.34 30.02
N ALA A 45 -2.87 -14.43 29.35
CA ALA A 45 -3.95 -14.78 28.42
C ALA A 45 -3.75 -13.89 27.19
N ALA A 46 -3.00 -14.40 26.22
CA ALA A 46 -2.73 -13.63 25.01
C ALA A 46 -3.97 -13.41 24.17
N GLU A 47 -5.07 -14.08 24.48
CA GLU A 47 -6.30 -13.92 23.70
C GLU A 47 -6.86 -12.54 23.96
N THR A 48 -6.59 -12.00 25.13
CA THR A 48 -7.13 -10.70 25.49
C THR A 48 -6.62 -9.58 24.60
N GLY A 49 -5.69 -9.87 23.70
CA GLY A 49 -5.11 -8.85 22.87
C GLY A 49 -4.09 -7.98 23.56
N ALA A 50 -3.82 -8.23 24.83
CA ALA A 50 -2.88 -7.43 25.60
C ALA A 50 -1.55 -8.16 25.69
N SER A 51 -0.47 -7.39 25.59
CA SER A 51 0.86 -7.95 25.79
C SER A 51 1.04 -8.34 27.25
N SER A 52 1.99 -9.24 27.50
CA SER A 52 2.20 -9.76 28.84
C SER A 52 2.73 -8.66 29.76
N ASN A 53 2.13 -8.56 30.95
CA ASN A 53 2.60 -7.65 31.98
C ASN A 53 3.59 -8.30 32.91
N SER A 54 4.11 -9.48 32.55
CA SER A 54 5.09 -10.16 33.39
C SER A 54 6.40 -9.39 33.40
N SER A 55 6.94 -9.18 34.58
CA SER A 55 8.22 -8.49 34.75
C SER A 55 9.32 -9.49 35.06
N ASP A 56 10.56 -9.07 34.81
CA ASP A 56 11.70 -9.93 35.08
C ASP A 56 11.82 -10.27 36.54
N GLU A 57 11.43 -9.34 37.42
CA GLU A 57 11.55 -9.58 38.85
C GLU A 57 10.64 -10.71 39.30
N ASN A 58 9.51 -10.89 38.64
CA ASN A 58 8.52 -11.85 39.07
C ASN A 58 8.67 -13.21 38.41
N LEU A 59 9.65 -13.39 37.53
CA LEU A 59 9.91 -14.69 36.93
C LEU A 59 11.27 -15.26 37.29
N ILE A 60 12.25 -14.42 37.61
CA ILE A 60 13.55 -14.86 38.10
C ILE A 60 13.93 -13.99 39.28
N GLU A 61 14.91 -14.46 40.05
CA GLU A 61 15.49 -13.65 41.11
C GLU A 61 16.42 -12.62 40.48
N THR A 62 15.99 -11.37 40.45
CA THR A 62 16.75 -10.31 39.83
C THR A 62 17.55 -9.54 40.88
N ARG A 63 18.51 -8.77 40.39
CA ARG A 63 19.28 -7.84 41.21
C ARG A 63 18.77 -6.43 40.99
N CYS A 64 19.33 -5.50 41.73
CA CYS A 64 19.02 -4.08 41.55
C CYS A 64 19.94 -3.53 40.47
N VAL A 65 19.37 -3.20 39.32
CA VAL A 65 20.13 -2.61 38.22
C VAL A 65 19.60 -1.19 38.03
N MET A 66 20.36 -0.21 38.50
CA MET A 66 20.03 1.18 38.22
C MET A 66 20.37 1.47 36.77
N ASN A 67 19.42 1.22 35.88
CA ASN A 67 19.68 1.28 34.44
C ASN A 67 19.91 2.73 34.02
N ARG A 68 21.02 2.95 33.31
CA ARG A 68 21.35 4.27 32.78
C ARG A 68 21.47 4.27 31.26
N ASN A 69 20.82 3.32 30.60
CA ASN A 69 20.82 3.27 29.14
C ASN A 69 19.82 4.27 28.60
N GLY A 70 20.28 5.10 27.66
CA GLY A 70 19.44 6.15 27.13
C GLY A 70 18.45 5.65 26.10
N VAL A 71 17.16 5.84 26.38
CA VAL A 71 16.10 5.45 25.45
C VAL A 71 15.70 6.58 24.53
N ASN A 72 16.42 7.71 24.58
CA ASN A 72 15.99 8.91 23.89
C ASN A 72 16.10 8.79 22.37
N GLU A 73 16.94 7.88 21.87
CA GLU A 73 17.16 7.79 20.44
C GLU A 73 16.04 7.05 19.72
N ALA A 74 15.25 6.27 20.44
CA ALA A 74 14.16 5.53 19.82
C ALA A 74 12.90 6.35 19.64
N SER A 75 12.98 7.66 19.82
CA SER A 75 11.83 8.51 19.62
C SER A 75 11.48 8.59 18.13
N VAL A 76 10.22 8.93 17.86
CA VAL A 76 9.77 9.05 16.48
C VAL A 76 10.51 10.19 15.78
N GLU A 77 10.84 11.24 16.53
CA GLU A 77 11.60 12.35 15.94
C GLU A 77 12.97 11.89 15.48
N HIS A 78 13.72 11.25 16.38
CA HIS A 78 15.08 10.82 16.04
C HIS A 78 15.08 9.73 14.99
N PHE A 79 14.05 8.90 14.97
CA PHE A 79 13.97 7.85 13.96
C PHE A 79 13.69 8.41 12.58
N TYR A 80 12.98 9.53 12.50
CA TYR A 80 12.57 10.09 11.22
C TYR A 80 13.35 11.32 10.81
N SER A 81 13.88 12.09 11.75
CA SER A 81 14.59 13.31 11.37
C SER A 81 15.95 12.98 10.78
N ARG A 82 15.95 12.31 9.64
CA ARG A 82 17.17 11.92 8.94
C ARG A 82 16.91 12.04 7.45
N ALA A 83 17.73 12.83 6.77
CA ALA A 83 17.52 13.10 5.35
C ALA A 83 17.76 11.84 4.54
N GLY A 84 16.71 11.31 3.93
CA GLY A 84 16.84 10.19 3.03
C GLY A 84 16.43 10.55 1.63
N LEU A 85 16.82 9.73 0.66
CA LEU A 85 16.53 10.02 -0.74
C LEU A 85 15.04 9.82 -1.02
N VAL A 86 14.38 10.86 -1.51
CA VAL A 86 12.98 10.78 -1.89
C VAL A 86 12.76 10.97 -3.37
N GLY A 87 13.76 11.43 -4.12
CA GLY A 87 13.58 11.63 -5.54
C GLY A 87 14.87 11.85 -6.30
N VAL A 88 14.95 11.25 -7.49
CA VAL A 88 16.06 11.48 -8.41
C VAL A 88 15.46 12.05 -9.69
N VAL A 89 15.76 13.31 -9.97
CA VAL A 89 15.19 14.02 -11.11
C VAL A 89 16.32 14.32 -12.08
N GLU A 90 16.27 13.72 -13.26
CA GLU A 90 17.25 13.97 -14.30
C GLU A 90 16.77 15.12 -15.18
N VAL A 91 17.54 16.20 -15.22
CA VAL A 91 17.24 17.33 -16.09
C VAL A 91 17.93 17.03 -17.41
N LYS A 92 17.25 16.28 -18.27
CA LYS A 92 17.85 15.86 -19.53
C LYS A 92 17.97 17.04 -20.48
N ASP A 93 19.18 17.28 -20.98
CA ASP A 93 19.41 18.33 -21.95
C ASP A 93 20.41 17.90 -23.01
N SER A 94 20.44 16.61 -23.33
CA SER A 94 21.40 16.10 -24.31
C SER A 94 20.76 14.94 -25.06
N GLY A 95 21.23 14.72 -26.27
CA GLY A 95 20.75 13.60 -27.05
C GLY A 95 19.34 13.85 -27.54
N THR A 96 18.49 12.84 -27.41
CA THR A 96 17.13 12.93 -27.91
C THR A 96 16.24 13.81 -27.03
N SER A 97 16.63 14.03 -25.78
CA SER A 97 15.84 14.81 -24.85
C SER A 97 16.55 16.14 -24.61
N LEU A 98 16.29 17.11 -25.48
CA LEU A 98 16.86 18.45 -25.35
C LEU A 98 15.91 19.38 -24.62
N ASP A 99 15.46 18.96 -23.45
CA ASP A 99 14.43 19.69 -22.73
C ASP A 99 15.00 20.78 -21.82
N GLY A 100 16.07 20.48 -21.11
CA GLY A 100 16.61 21.45 -20.17
C GLY A 100 15.74 21.70 -18.97
N TYR A 101 14.66 20.94 -18.82
CA TYR A 101 13.76 21.09 -17.69
C TYR A 101 13.11 19.74 -17.42
N THR A 102 12.56 19.61 -16.21
CA THR A 102 11.85 18.40 -15.84
C THR A 102 10.87 18.73 -14.74
N VAL A 103 9.63 18.31 -14.90
CA VAL A 103 8.59 18.49 -13.90
C VAL A 103 8.40 17.13 -13.22
N TRP A 104 8.72 17.07 -11.93
CA TRP A 104 8.78 15.82 -11.21
C TRP A 104 7.61 15.71 -10.25
N PRO A 105 6.76 14.69 -10.37
CA PRO A 105 5.68 14.50 -9.39
C PRO A 105 6.26 14.23 -8.01
N ILE A 106 5.89 15.09 -7.06
CA ILE A 106 6.43 14.98 -5.70
C ILE A 106 5.82 13.75 -5.05
N ASP A 107 6.64 12.73 -4.85
CA ASP A 107 6.22 11.52 -4.14
C ASP A 107 7.40 11.00 -3.34
N VAL A 108 7.16 10.67 -2.08
CA VAL A 108 8.21 10.20 -1.19
C VAL A 108 8.24 8.69 -1.09
N MET A 109 7.50 7.99 -1.95
CA MET A 109 7.37 6.54 -1.89
C MET A 109 8.06 5.86 -3.06
N GLY A 110 9.10 6.48 -3.60
CA GLY A 110 9.77 5.91 -4.75
C GLY A 110 11.02 5.13 -4.40
N PHE A 111 11.48 5.26 -3.17
CA PHE A 111 12.72 4.63 -2.75
C PHE A 111 12.49 3.88 -1.44
N VAL A 112 13.12 2.70 -1.33
CA VAL A 112 12.67 1.72 -0.35
C VAL A 112 12.98 2.17 1.06
N GLN A 113 14.12 2.82 1.27
CA GLN A 113 14.55 3.10 2.63
C GLN A 113 13.64 4.13 3.30
N GLN A 114 13.31 5.19 2.59
CA GLN A 114 12.39 6.18 3.14
C GLN A 114 10.97 5.63 3.18
N ARG A 115 10.58 4.87 2.15
CA ARG A 115 9.21 4.38 2.08
C ARG A 115 8.89 3.42 3.21
N ARG A 116 9.82 2.50 3.52
CA ARG A 116 9.56 1.52 4.56
C ARG A 116 9.49 2.16 5.94
N LYS A 117 10.31 3.18 6.17
CA LYS A 117 10.25 3.88 7.45
C LYS A 117 8.93 4.63 7.60
N LEU A 118 8.49 5.29 6.54
CA LEU A 118 7.23 6.03 6.61
C LEU A 118 6.05 5.10 6.84
N GLU A 119 6.02 3.98 6.13
CA GLU A 119 4.90 3.06 6.23
C GLU A 119 4.84 2.32 7.56
N LEU A 120 5.78 2.58 8.46
CA LEU A 120 5.62 2.11 9.83
C LEU A 120 4.39 2.72 10.48
N SER A 121 4.02 3.92 10.06
CA SER A 121 2.87 4.63 10.58
C SER A 121 1.84 4.81 9.48
N THR A 122 0.58 4.88 9.89
CA THR A 122 -0.51 5.12 8.94
C THR A 122 -0.62 6.60 8.60
N TYR A 123 -0.67 7.45 9.62
CA TYR A 123 -0.76 8.89 9.44
C TYR A 123 0.48 9.55 9.99
N MET A 124 1.06 10.47 9.23
CA MET A 124 2.20 11.25 9.68
C MET A 124 1.96 12.71 9.33
N ARG A 125 2.03 13.57 10.33
CA ARG A 125 1.96 15.01 10.15
C ARG A 125 3.32 15.58 10.48
N PHE A 126 3.98 16.18 9.50
CA PHE A 126 5.34 16.63 9.71
C PHE A 126 5.68 17.79 8.79
N ASP A 127 6.63 18.60 9.24
CA ASP A 127 7.35 19.50 8.37
C ASP A 127 8.59 18.80 7.83
N ALA A 128 9.12 19.32 6.73
CA ALA A 128 10.23 18.65 6.07
C ALA A 128 11.32 19.66 5.77
N GLU A 129 12.55 19.17 5.70
CA GLU A 129 13.70 19.93 5.25
C GLU A 129 14.19 19.27 3.97
N PHE A 130 13.81 19.82 2.83
CA PHE A 130 14.17 19.25 1.55
C PHE A 130 15.52 19.79 1.09
N THR A 131 16.41 18.88 0.71
CA THR A 131 17.73 19.23 0.23
C THR A 131 17.91 18.68 -1.18
N PHE A 132 18.57 19.46 -2.03
CA PHE A 132 18.74 19.11 -3.44
C PHE A 132 20.23 18.97 -3.72
N VAL A 133 20.66 17.74 -3.98
CA VAL A 133 22.06 17.48 -4.27
C VAL A 133 22.20 17.20 -5.75
N SER A 134 22.52 18.22 -6.52
CA SER A 134 22.52 18.15 -7.98
C SER A 134 23.94 18.16 -8.50
N ASN A 135 24.16 17.39 -9.57
CA ASN A 135 25.48 17.29 -10.18
C ASN A 135 25.32 16.67 -11.55
N LEU A 136 26.43 16.65 -12.30
CA LEU A 136 26.43 16.05 -13.62
C LEU A 136 26.62 14.55 -13.52
N ASN A 137 26.75 13.88 -14.67
CA ASN A 137 26.95 12.45 -14.66
C ASN A 137 28.31 12.07 -14.12
N ASN A 138 29.33 12.88 -14.37
CA ASN A 138 30.67 12.61 -13.88
C ASN A 138 30.91 13.15 -12.48
N SER A 139 29.84 13.35 -11.70
CA SER A 139 29.85 13.82 -10.33
C SER A 139 30.33 15.25 -10.20
N THR A 140 30.71 15.91 -11.29
CA THR A 140 31.22 17.26 -11.22
C THR A 140 30.07 18.25 -11.11
N THR A 141 30.35 19.39 -10.51
CA THR A 141 29.36 20.44 -10.28
C THR A 141 29.87 21.74 -10.86
N PRO A 142 29.84 21.90 -12.18
CA PRO A 142 30.21 23.18 -12.77
C PRO A 142 29.19 24.24 -12.41
N GLY A 143 29.65 25.48 -12.34
CA GLY A 143 28.71 26.55 -12.08
C GLY A 143 27.67 26.60 -13.17
N MET A 144 26.47 26.12 -12.85
CA MET A 144 25.37 26.08 -13.80
C MET A 144 24.11 26.44 -13.03
N LEU A 145 23.49 27.54 -13.42
CA LEU A 145 22.35 28.04 -12.68
C LEU A 145 21.15 27.13 -12.90
N LEU A 146 20.60 26.61 -11.82
CA LEU A 146 19.37 25.83 -11.85
C LEU A 146 18.27 26.60 -11.15
N GLN A 147 17.03 26.29 -11.53
CA GLN A 147 15.86 26.84 -10.87
C GLN A 147 14.99 25.69 -10.40
N TYR A 148 14.85 25.55 -9.10
CA TYR A 148 13.99 24.54 -8.49
C TYR A 148 12.71 25.24 -8.08
N MET A 149 11.67 25.14 -8.91
CA MET A 149 10.40 25.77 -8.62
C MET A 149 9.41 24.74 -8.11
N TYR A 150 8.81 25.01 -6.96
CA TYR A 150 7.74 24.19 -6.45
C TYR A 150 6.44 24.58 -7.14
N VAL A 151 5.82 23.63 -7.84
CA VAL A 151 4.57 23.87 -8.54
C VAL A 151 3.45 23.20 -7.78
N PRO A 152 2.75 23.91 -6.90
CA PRO A 152 1.69 23.29 -6.10
C PRO A 152 0.58 22.77 -7.00
N PRO A 153 -0.28 21.89 -6.47
CA PRO A 153 -1.37 21.35 -7.30
C PRO A 153 -2.28 22.45 -7.81
N GLY A 154 -2.34 22.59 -9.14
CA GLY A 154 -3.16 23.58 -9.79
C GLY A 154 -2.34 24.65 -10.48
N ALA A 155 -1.15 24.94 -9.98
CA ALA A 155 -0.29 25.92 -10.63
C ALA A 155 0.15 25.38 -11.98
N PRO A 156 0.30 26.24 -12.99
CA PRO A 156 0.63 25.74 -14.33
C PRO A 156 2.04 25.17 -14.37
N LYS A 157 2.15 23.97 -14.93
CA LYS A 157 3.46 23.34 -15.02
C LYS A 157 4.20 23.88 -16.24
N PRO A 158 5.50 24.09 -16.14
CA PRO A 158 6.26 24.56 -17.29
C PRO A 158 6.32 23.52 -18.39
N ASP A 159 6.25 23.99 -19.63
CA ASP A 159 6.34 23.13 -20.80
C ASP A 159 7.60 23.37 -21.60
N SER A 160 8.48 24.25 -21.16
CA SER A 160 9.78 24.46 -21.78
C SER A 160 10.69 25.10 -20.75
N ARG A 161 11.93 25.34 -21.15
CA ARG A 161 12.87 26.03 -20.28
C ARG A 161 12.68 27.54 -20.30
N LYS A 162 11.87 28.06 -21.22
CA LYS A 162 11.65 29.48 -21.36
C LYS A 162 10.24 29.91 -21.01
N SER A 163 9.37 28.98 -20.64
CA SER A 163 7.96 29.28 -20.47
C SER A 163 7.74 30.27 -19.33
N TYR A 164 6.55 30.86 -19.33
CA TYR A 164 6.27 31.95 -18.40
C TYR A 164 6.17 31.50 -16.96
N GLN A 165 5.92 30.20 -16.71
CA GLN A 165 5.75 29.75 -15.35
C GLN A 165 7.00 29.93 -14.51
N TRP A 166 8.17 30.01 -15.14
CA TRP A 166 9.40 30.18 -14.40
C TRP A 166 9.55 31.58 -13.82
N GLN A 167 8.64 32.49 -14.13
CA GLN A 167 8.66 33.81 -13.52
C GLN A 167 8.42 33.75 -12.01
N THR A 168 7.86 32.64 -11.53
CA THR A 168 7.69 32.33 -10.10
C THR A 168 7.33 33.55 -9.28
N ALA A 169 6.27 34.24 -9.71
CA ALA A 169 5.80 35.39 -8.95
C ALA A 169 5.14 34.96 -7.64
N THR A 170 4.60 33.75 -7.59
CA THR A 170 3.96 33.27 -6.38
C THR A 170 4.50 31.90 -5.99
N ASN A 171 4.91 31.11 -6.96
CA ASN A 171 5.48 29.80 -6.67
C ASN A 171 6.80 29.95 -5.93
N PRO A 172 7.07 29.12 -4.93
CA PRO A 172 8.40 29.10 -4.33
C PRO A 172 9.42 28.56 -5.32
N SER A 173 10.52 29.28 -5.46
CA SER A 173 11.57 28.88 -6.39
C SER A 173 12.93 29.15 -5.76
N VAL A 174 13.87 28.25 -6.03
CA VAL A 174 15.24 28.37 -5.54
C VAL A 174 16.17 28.41 -6.73
N PHE A 175 16.96 29.46 -6.84
CA PHE A 175 18.01 29.57 -7.84
C PHE A 175 19.34 29.24 -7.17
N ALA A 176 20.02 28.22 -7.66
CA ALA A 176 21.29 27.84 -7.09
C ALA A 176 22.12 27.16 -8.16
N LYS A 177 23.39 27.54 -8.23
CA LYS A 177 24.32 26.89 -9.14
C LYS A 177 24.66 25.51 -8.61
N LEU A 178 25.13 24.65 -9.52
CA LEU A 178 25.62 23.35 -9.09
C LEU A 178 26.82 23.48 -8.17
N SER A 179 27.61 24.53 -8.34
CA SER A 179 28.79 24.73 -7.52
C SER A 179 28.44 25.11 -6.09
N ASP A 180 27.22 25.59 -5.86
CA ASP A 180 26.83 25.98 -4.51
C ASP A 180 26.61 24.73 -3.66
N PRO A 181 26.69 24.87 -2.34
CA PRO A 181 26.28 23.78 -1.45
C PRO A 181 24.83 23.42 -1.70
N PRO A 182 24.42 22.22 -1.32
CA PRO A 182 23.09 21.74 -1.68
C PRO A 182 22.00 22.69 -1.19
N PRO A 183 21.13 23.15 -2.08
CA PRO A 183 20.00 23.97 -1.66
C PRO A 183 19.12 23.22 -0.66
N GLN A 184 18.78 23.91 0.42
CA GLN A 184 18.02 23.31 1.50
C GLN A 184 16.94 24.27 1.95
N VAL A 185 15.70 23.80 1.98
CA VAL A 185 14.56 24.62 2.33
C VAL A 185 13.66 23.87 3.30
N SER A 186 12.90 24.63 4.07
CA SER A 186 11.93 24.07 5.02
C SER A 186 10.54 24.09 4.40
N VAL A 187 9.94 22.92 4.29
CA VAL A 187 8.61 22.75 3.73
C VAL A 187 7.63 22.50 4.88
N PRO A 188 6.52 23.20 4.94
CA PRO A 188 5.58 23.01 6.04
C PRO A 188 4.72 21.76 5.80
N PHE A 189 3.85 21.48 6.75
CA PHE A 189 2.88 20.41 6.57
C PHE A 189 1.83 20.88 5.58
N MET A 190 2.01 20.52 4.32
CA MET A 190 1.12 20.93 3.25
C MET A 190 0.19 19.77 2.95
N SER A 191 -1.04 19.86 3.41
CA SER A 191 -2.02 18.82 3.16
C SER A 191 -3.40 19.30 3.55
N PRO A 192 -4.42 19.05 2.74
CA PRO A 192 -5.79 19.37 3.16
C PRO A 192 -6.23 18.59 4.38
N ALA A 193 -5.60 17.46 4.68
CA ALA A 193 -5.94 16.65 5.82
C ALA A 193 -5.12 17.06 7.03
N THR A 194 -5.49 16.49 8.18
CA THR A 194 -4.73 16.75 9.40
C THR A 194 -3.37 16.08 9.36
N ALA A 195 -3.24 14.98 8.63
CA ALA A 195 -1.97 14.29 8.51
C ALA A 195 -1.89 13.64 7.14
N TYR A 196 -0.66 13.41 6.69
CA TYR A 196 -0.47 12.60 5.50
C TYR A 196 -0.93 11.18 5.77
N GLN A 197 -1.15 10.44 4.69
CA GLN A 197 -1.82 9.14 4.78
C GLN A 197 -1.10 8.18 3.84
N TRP A 198 -0.17 7.40 4.38
CA TRP A 198 0.57 6.47 3.54
C TRP A 198 -0.28 5.29 3.11
N PHE A 199 -1.40 5.07 3.79
CA PHE A 199 -2.33 4.00 3.44
C PHE A 199 -3.73 4.58 3.44
N TYR A 200 -4.37 4.58 2.28
CA TYR A 200 -5.71 5.12 2.13
C TYR A 200 -6.62 4.02 1.59
N ASP A 201 -7.32 3.33 2.49
CA ASP A 201 -8.23 2.26 2.09
C ASP A 201 -9.49 2.90 1.54
N GLY A 202 -9.41 3.33 0.29
CA GLY A 202 -10.56 3.94 -0.33
C GLY A 202 -10.23 4.42 -1.72
N TYR A 203 -11.18 5.12 -2.31
CA TYR A 203 -11.05 5.67 -3.64
C TYR A 203 -11.22 7.19 -3.58
N PRO A 204 -10.51 7.93 -4.41
CA PRO A 204 -10.62 9.39 -4.35
C PRO A 204 -11.96 9.91 -4.85
N THR A 205 -12.57 9.22 -5.80
CA THR A 205 -13.81 9.68 -6.40
C THR A 205 -14.90 8.63 -6.22
N PHE A 206 -16.14 9.10 -6.26
CA PHE A 206 -17.28 8.20 -6.29
C PHE A 206 -17.36 7.53 -7.66
N GLY A 207 -18.13 6.46 -7.74
CA GLY A 207 -18.33 5.77 -8.99
C GLY A 207 -18.43 4.29 -8.77
N GLU A 208 -18.21 3.53 -9.85
CA GLU A 208 -18.37 2.10 -9.83
C GLU A 208 -17.07 1.34 -9.62
N HIS A 209 -15.93 1.90 -10.05
CA HIS A 209 -14.62 1.29 -9.84
C HIS A 209 -14.53 -0.10 -10.45
N LYS A 210 -15.09 -0.26 -11.64
CA LYS A 210 -15.14 -1.55 -12.32
C LYS A 210 -14.12 -1.65 -13.46
N GLN A 211 -13.10 -0.80 -13.44
CA GLN A 211 -12.09 -0.85 -14.48
C GLN A 211 -11.25 -2.11 -14.34
N ALA A 212 -10.69 -2.56 -15.48
CA ALA A 212 -9.85 -3.74 -15.45
C ALA A 212 -8.57 -3.51 -14.67
N THR A 213 -8.08 -2.26 -14.64
CA THR A 213 -6.85 -1.97 -13.92
C THR A 213 -7.10 -1.53 -12.50
N ASN A 214 -8.09 -0.66 -12.26
CA ASN A 214 -8.40 -0.13 -10.94
C ASN A 214 -7.20 0.63 -10.36
N LEU A 215 -6.78 1.65 -11.11
CA LEU A 215 -5.61 2.43 -10.75
C LEU A 215 -5.87 3.41 -9.62
N GLN A 216 -7.13 3.68 -9.28
CA GLN A 216 -7.44 4.74 -8.32
C GLN A 216 -7.58 4.24 -6.90
N TYR A 217 -7.52 2.94 -6.66
CA TYR A 217 -7.59 2.45 -5.30
C TYR A 217 -6.36 2.88 -4.53
N GLY A 218 -6.58 3.40 -3.33
CA GLY A 218 -5.49 3.79 -2.47
C GLY A 218 -4.89 5.14 -2.77
N GLN A 219 -5.42 5.87 -3.74
CA GLN A 219 -4.85 7.14 -4.18
C GLN A 219 -5.59 8.27 -3.49
N CYS A 220 -4.99 8.79 -2.42
CA CYS A 220 -5.56 9.90 -1.67
C CYS A 220 -4.94 11.19 -2.15
N PRO A 221 -5.71 12.10 -2.77
CA PRO A 221 -5.12 13.37 -3.21
C PRO A 221 -4.67 14.27 -2.07
N ASN A 222 -4.99 13.94 -0.82
CA ASN A 222 -4.48 14.72 0.30
C ASN A 222 -2.97 14.62 0.42
N ASN A 223 -2.37 13.60 -0.18
CA ASN A 223 -0.92 13.45 -0.18
C ASN A 223 -0.25 14.00 -1.43
N MET A 224 -0.99 14.15 -2.52
CA MET A 224 -0.43 14.63 -3.78
C MET A 224 -0.14 16.12 -3.65
N MET A 225 1.11 16.47 -3.40
CA MET A 225 1.50 17.84 -3.12
C MET A 225 2.20 18.50 -4.30
N GLY A 226 1.77 18.20 -5.51
CA GLY A 226 2.24 18.94 -6.66
C GLY A 226 3.52 18.42 -7.27
N HIS A 227 4.27 19.31 -7.91
CA HIS A 227 5.44 18.94 -8.69
C HIS A 227 6.61 19.83 -8.34
N PHE A 228 7.81 19.31 -8.58
CA PHE A 228 9.05 20.07 -8.47
C PHE A 228 9.59 20.25 -9.88
N ALA A 229 9.47 21.46 -10.41
CA ALA A 229 9.94 21.78 -11.74
C ALA A 229 11.36 22.32 -11.64
N ILE A 230 12.30 21.62 -12.27
CA ILE A 230 13.70 22.00 -12.26
C ILE A 230 14.12 22.31 -13.68
N ARG A 231 14.86 23.40 -13.87
CA ARG A 231 15.38 23.76 -15.17
C ARG A 231 16.78 24.32 -15.02
N THR A 232 17.57 24.16 -16.08
CA THR A 232 18.78 24.94 -16.24
C THR A 232 18.37 26.32 -16.75
N VAL A 233 18.85 27.37 -16.09
CA VAL A 233 18.48 28.71 -16.53
C VAL A 233 19.32 28.99 -17.76
N SER A 234 18.80 28.59 -18.92
CA SER A 234 19.58 28.55 -20.15
C SER A 234 18.72 29.06 -21.29
N GLU A 235 19.39 29.45 -22.37
CA GLU A 235 18.70 29.93 -23.56
C GLU A 235 18.64 28.90 -24.67
N SER A 236 19.48 27.86 -24.60
CA SER A 236 19.48 26.80 -25.57
C SER A 236 19.89 25.52 -24.86
N THR A 237 20.12 24.46 -25.62
CA THR A 237 20.53 23.20 -25.03
C THR A 237 21.95 23.33 -24.47
N THR A 238 22.15 22.83 -23.26
CA THR A 238 23.45 22.83 -22.64
C THR A 238 24.24 21.55 -22.90
N GLY A 239 23.61 20.53 -23.49
CA GLY A 239 24.29 19.29 -23.77
C GLY A 239 24.67 18.47 -22.57
N LYS A 240 24.18 18.83 -21.39
CA LYS A 240 24.56 18.17 -20.15
C LYS A 240 23.31 17.77 -19.38
N ASN A 241 23.27 16.53 -18.93
CA ASN A 241 22.17 16.05 -18.10
C ASN A 241 22.53 16.23 -16.63
N ILE A 242 21.63 16.83 -15.88
CA ILE A 242 21.84 17.12 -14.47
C ILE A 242 20.97 16.19 -13.65
N HIS A 243 21.57 15.52 -12.67
CA HIS A 243 20.86 14.60 -11.80
C HIS A 243 20.62 15.28 -10.46
N VAL A 244 19.36 15.58 -10.18
CA VAL A 244 18.97 16.22 -8.93
C VAL A 244 18.46 15.15 -7.99
N ARG A 245 19.16 14.96 -6.89
CA ARG A 245 18.75 14.02 -5.86
C ARG A 245 18.08 14.79 -4.73
N VAL A 246 16.84 14.45 -4.44
CA VAL A 246 16.05 15.16 -3.44
C VAL A 246 16.10 14.38 -2.15
N TYR A 247 16.47 15.04 -1.07
CA TYR A 247 16.58 14.43 0.24
C TYR A 247 15.62 15.13 1.19
N MET A 248 14.74 14.36 1.82
CA MET A 248 13.74 14.88 2.72
C MET A 248 14.10 14.49 4.15
N ARG A 249 14.23 15.48 5.02
CA ARG A 249 14.38 15.26 6.44
C ARG A 249 13.08 15.64 7.13
N ILE A 250 12.41 14.65 7.70
CA ILE A 250 11.10 14.83 8.29
C ILE A 250 11.29 15.33 9.72
N LYS A 251 10.83 16.54 9.99
CA LYS A 251 10.93 17.12 11.32
C LYS A 251 9.54 17.47 11.83
N HIS A 252 9.45 17.68 13.14
CA HIS A 252 8.19 17.95 13.82
C HIS A 252 7.18 16.85 13.53
N VAL A 253 7.59 15.63 13.82
CA VAL A 253 6.85 14.45 13.38
C VAL A 253 5.74 14.13 14.36
N ARG A 254 4.59 13.75 13.83
CA ARG A 254 3.49 13.22 14.61
C ARG A 254 3.00 11.98 13.87
N ALA A 255 3.23 10.81 14.45
CA ALA A 255 2.88 9.55 13.82
C ALA A 255 1.70 8.92 14.53
N TRP A 256 0.84 8.25 13.77
CA TRP A 256 -0.35 7.61 14.29
C TRP A 256 -0.50 6.22 13.70
N VAL A 257 -1.12 5.34 14.49
CA VAL A 257 -1.48 3.98 14.07
C VAL A 257 -0.26 3.25 13.52
N PRO A 258 0.63 2.77 14.37
CA PRO A 258 1.78 1.99 13.88
C PRO A 258 1.33 0.75 13.15
N ARG A 259 2.11 0.37 12.15
CA ARG A 259 1.79 -0.72 11.25
C ARG A 259 2.93 -1.71 11.20
N PRO A 260 2.68 -2.93 10.75
CA PRO A 260 3.79 -3.86 10.48
C PRO A 260 4.70 -3.29 9.42
N LEU A 261 6.01 -3.42 9.66
CA LEU A 261 6.98 -3.02 8.66
C LEU A 261 6.85 -3.94 7.45
N ARG A 262 6.99 -3.34 6.26
CA ARG A 262 6.82 -4.09 5.03
C ARG A 262 7.81 -5.24 4.95
N SER A 263 7.31 -6.42 4.60
CA SER A 263 8.14 -7.60 4.48
C SER A 263 8.39 -8.02 3.04
N GLN A 264 7.42 -7.84 2.16
CA GLN A 264 7.60 -8.16 0.75
C GLN A 264 8.27 -7.00 0.03
N ALA A 265 9.02 -7.34 -1.02
CA ALA A 265 9.64 -6.31 -1.83
C ALA A 265 8.58 -5.51 -2.55
N TYR A 266 8.71 -4.19 -2.54
CA TYR A 266 7.79 -3.35 -3.27
C TYR A 266 7.94 -3.58 -4.77
N MET A 267 6.84 -3.38 -5.48
CA MET A 267 6.86 -3.49 -6.93
C MET A 267 6.50 -2.20 -7.64
N VAL A 268 5.67 -1.36 -7.03
CA VAL A 268 5.23 -0.10 -7.63
C VAL A 268 5.29 0.98 -6.57
N LYS A 269 5.07 2.21 -7.00
CA LYS A 269 5.27 3.36 -6.12
C LYS A 269 4.07 3.60 -5.22
N ASN A 270 2.87 3.65 -5.80
CA ASN A 270 1.69 4.11 -5.09
C ASN A 270 0.75 2.99 -4.69
N TYR A 271 1.18 1.73 -4.79
CA TYR A 271 0.31 0.63 -4.47
C TYR A 271 1.08 -0.41 -3.68
N PRO A 272 0.48 -0.97 -2.62
CA PRO A 272 1.02 -2.21 -2.07
C PRO A 272 0.74 -3.33 -3.04
N THR A 273 1.79 -3.92 -3.56
CA THR A 273 1.64 -4.97 -4.57
C THR A 273 2.88 -5.84 -4.47
N TYR A 274 2.70 -7.09 -4.05
CA TYR A 274 3.79 -8.00 -3.86
C TYR A 274 3.74 -9.09 -4.91
N SER A 275 4.88 -9.74 -5.12
CA SER A 275 4.96 -10.79 -6.12
C SER A 275 4.16 -12.00 -5.69
N GLN A 276 3.82 -12.84 -6.67
CA GLN A 276 3.22 -14.12 -6.35
C GLN A 276 4.19 -15.03 -5.62
N THR A 277 5.48 -14.80 -5.77
CA THR A 277 6.51 -15.52 -5.01
C THR A 277 6.67 -14.78 -3.69
N ILE A 278 5.91 -15.20 -2.70
CA ILE A 278 5.92 -14.56 -1.39
C ILE A 278 7.20 -14.95 -0.65
N THR A 279 7.95 -13.96 -0.19
CA THR A 279 9.14 -14.19 0.59
C THR A 279 8.77 -14.30 2.05
N ASN A 280 9.28 -15.32 2.72
CA ASN A 280 9.02 -15.49 4.14
C ASN A 280 9.68 -14.39 4.93
N THR A 281 9.02 -13.96 6.00
CA THR A 281 9.61 -12.94 6.86
C THR A 281 10.86 -13.46 7.54
N ALA A 282 10.87 -14.74 7.88
CA ALA A 282 12.01 -15.38 8.54
C ALA A 282 12.70 -16.32 7.58
N THR A 283 14.03 -16.34 7.65
CA THR A 283 14.81 -17.25 6.82
C THR A 283 14.62 -18.69 7.29
N ASP A 284 14.65 -19.61 6.34
CA ASP A 284 14.42 -21.01 6.64
C ASP A 284 15.64 -21.63 7.31
N ARG A 285 15.38 -22.52 8.26
CA ARG A 285 16.42 -23.34 8.87
C ARG A 285 16.08 -24.81 8.66
N ALA A 286 17.03 -25.67 9.04
CA ALA A 286 16.89 -27.09 8.74
C ALA A 286 15.72 -27.71 9.48
N SER A 287 15.58 -27.41 10.77
CA SER A 287 14.53 -28.00 11.59
C SER A 287 14.14 -27.01 12.66
N ILE A 288 12.97 -27.26 13.26
CA ILE A 288 12.48 -26.42 14.33
C ILE A 288 13.29 -26.59 15.61
N THR A 289 14.20 -27.55 15.65
CA THR A 289 15.02 -27.82 16.82
C THR A 289 16.51 -27.64 16.54
N THR A 290 16.85 -26.89 15.50
CA THR A 290 18.25 -26.70 15.10
C THR A 290 18.58 -25.22 15.21
N THR A 291 19.55 -24.90 16.07
CA THR A 291 20.09 -23.55 16.19
C THR A 291 21.58 -23.59 15.89
N ASP A 292 22.05 -22.61 15.13
CA ASP A 292 23.44 -22.57 14.70
C ASP A 292 24.25 -21.66 15.59
N TYR A 293 24.32 -22.05 16.87
CA TYR A 293 25.19 -21.39 17.84
C TYR A 293 26.00 -22.47 18.52
N GLU A 294 27.31 -22.49 18.25
CA GLU A 294 28.13 -23.60 18.68
C GLU A 294 28.55 -23.48 20.13
N GLY A 295 28.67 -22.25 20.64
CA GLY A 295 29.05 -22.08 22.03
C GLY A 295 30.43 -22.64 22.31
N GLY A 296 30.63 -23.02 23.57
CA GLY A 296 31.89 -23.58 24.01
C GLY A 296 31.81 -25.09 24.20
N VAL A 297 32.94 -25.65 24.62
CA VAL A 297 33.03 -27.08 24.89
C VAL A 297 32.37 -27.38 26.22
N PRO A 298 31.38 -28.25 26.27
CA PRO A 298 30.73 -28.55 27.55
C PRO A 298 31.68 -29.26 28.49
N ALA A 299 31.55 -28.95 29.78
CA ALA A 299 32.45 -29.53 30.77
C ALA A 299 32.26 -31.03 30.86
N SER A 300 31.02 -31.48 31.01
CA SER A 300 30.71 -32.90 31.12
C SER A 300 29.43 -33.17 30.34
N PRO A 301 29.53 -33.73 29.14
CA PRO A 301 28.36 -34.02 28.29
C PRO A 301 27.53 -35.18 28.83
N GLY B 8 -9.01 -7.61 39.84
CA GLY B 8 -7.80 -7.46 39.08
C GLY B 8 -7.68 -8.45 37.94
N TYR B 9 -8.82 -8.94 37.48
CA TYR B 9 -8.87 -9.92 36.39
C TYR B 9 -10.02 -9.57 35.46
N SER B 10 -10.09 -10.28 34.35
CA SER B 10 -11.14 -10.10 33.36
C SER B 10 -12.18 -11.21 33.53
N ASP B 11 -13.42 -10.82 33.74
CA ASP B 11 -14.49 -11.79 33.92
C ASP B 11 -14.85 -12.41 32.59
N ARG B 12 -15.04 -13.74 32.59
CA ARG B 12 -15.30 -14.45 31.36
C ARG B 12 -16.68 -14.17 30.79
N VAL B 13 -17.62 -13.76 31.62
CA VAL B 13 -18.97 -13.44 31.16
C VAL B 13 -19.04 -11.96 30.82
N ALA B 14 -19.75 -11.64 29.75
CA ALA B 14 -19.88 -10.27 29.31
C ALA B 14 -21.18 -10.10 28.54
N GLN B 15 -21.81 -8.95 28.72
CA GLN B 15 -23.01 -8.59 27.99
C GLN B 15 -22.80 -7.22 27.37
N LEU B 16 -23.02 -7.13 26.06
CA LEU B 16 -22.84 -5.89 25.32
C LEU B 16 -24.21 -5.42 24.84
N THR B 17 -24.72 -4.35 25.46
CA THR B 17 -26.04 -3.82 25.15
C THR B 17 -25.87 -2.49 24.42
N VAL B 18 -26.18 -2.49 23.13
CA VAL B 18 -26.14 -1.29 22.31
C VAL B 18 -27.43 -1.22 21.53
N GLY B 19 -28.21 -0.17 21.75
CA GLY B 19 -29.49 -0.05 21.07
C GLY B 19 -30.45 -1.11 21.57
N ASN B 20 -31.19 -1.70 20.63
CA ASN B 20 -32.06 -2.82 20.95
C ASN B 20 -31.36 -4.15 20.83
N SER B 21 -30.05 -4.13 20.60
CA SER B 21 -29.26 -5.34 20.46
C SER B 21 -28.51 -5.61 21.76
N THR B 22 -28.42 -6.89 22.11
CA THR B 22 -27.66 -7.32 23.27
C THR B 22 -26.92 -8.59 22.92
N ILE B 23 -25.63 -8.62 23.24
CA ILE B 23 -24.76 -9.75 22.94
C ILE B 23 -24.29 -10.35 24.25
N THR B 24 -24.57 -11.62 24.46
CA THR B 24 -24.16 -12.33 25.66
C THR B 24 -23.04 -13.29 25.29
N THR B 25 -21.97 -13.27 26.07
CA THR B 25 -20.88 -14.22 25.93
C THR B 25 -20.51 -14.74 27.31
N GLN B 26 -20.28 -16.04 27.40
CA GLN B 26 -19.89 -16.67 28.66
C GLN B 26 -18.44 -17.11 28.66
N GLU B 27 -17.76 -17.11 27.52
CA GLU B 27 -16.33 -17.39 27.45
C GLU B 27 -15.71 -16.27 26.65
N ALA B 28 -15.38 -15.18 27.33
CA ALA B 28 -14.79 -14.00 26.73
C ALA B 28 -13.44 -13.72 27.37
N ALA B 29 -12.46 -13.38 26.53
CA ALA B 29 -11.14 -13.05 27.07
C ALA B 29 -11.17 -11.71 27.75
N ASN B 30 -11.46 -10.65 27.01
CA ASN B 30 -11.56 -9.30 27.52
C ASN B 30 -12.23 -8.49 26.42
N ILE B 31 -12.22 -7.18 26.57
CA ILE B 31 -12.71 -6.29 25.52
C ILE B 31 -11.58 -5.34 25.17
N VAL B 32 -11.09 -5.42 23.94
CA VAL B 32 -10.01 -4.56 23.50
C VAL B 32 -10.59 -3.19 23.18
N LEU B 33 -10.15 -2.17 23.91
CA LEU B 33 -10.48 -0.79 23.62
C LEU B 33 -9.35 -0.26 22.76
N SER B 34 -9.59 -0.14 21.47
CA SER B 34 -8.54 0.16 20.51
C SER B 34 -7.84 1.47 20.86
N TYR B 35 -6.54 1.37 21.13
CA TYR B 35 -5.68 2.50 21.45
C TYR B 35 -6.15 3.25 22.70
N GLY B 36 -6.88 2.56 23.58
CA GLY B 36 -7.32 3.16 24.82
C GLY B 36 -8.29 4.30 24.66
N GLU B 37 -8.89 4.46 23.48
CA GLU B 37 -9.76 5.59 23.20
C GLU B 37 -11.15 5.07 22.87
N TRP B 38 -12.13 5.47 23.67
CA TRP B 38 -13.52 5.18 23.36
C TRP B 38 -13.96 5.99 22.15
N PRO B 39 -14.94 5.50 21.40
CA PRO B 39 -15.51 6.32 20.32
C PRO B 39 -16.18 7.56 20.89
N GLU B 40 -15.87 8.70 20.29
CA GLU B 40 -16.43 9.97 20.71
C GLU B 40 -17.03 10.68 19.51
N TYR B 41 -17.97 11.57 19.79
CA TYR B 41 -18.47 12.47 18.77
C TYR B 41 -17.42 13.51 18.43
N CYS B 42 -17.48 14.04 17.22
CA CYS B 42 -16.47 14.99 16.77
C CYS B 42 -16.57 16.27 17.56
N PRO B 43 -15.51 16.69 18.25
CA PRO B 43 -15.59 17.94 19.01
C PRO B 43 -15.69 19.14 18.09
N SER B 44 -16.07 20.27 18.68
CA SER B 44 -16.15 21.51 17.92
C SER B 44 -14.79 21.95 17.45
N THR B 45 -13.74 21.60 18.18
CA THR B 45 -12.39 22.03 17.79
C THR B 45 -11.90 21.26 16.58
N ASP B 46 -12.27 19.99 16.47
CA ASP B 46 -11.78 19.15 15.38
C ASP B 46 -12.69 19.14 14.18
N ALA B 47 -13.89 19.68 14.29
CA ALA B 47 -14.85 19.66 13.20
C ALA B 47 -14.52 20.71 12.17
N THR B 48 -14.90 20.44 10.94
CA THR B 48 -14.77 21.42 9.88
C THR B 48 -16.08 21.68 9.16
N ALA B 49 -16.91 20.66 8.97
CA ALA B 49 -18.19 20.85 8.31
C ALA B 49 -19.12 21.65 9.21
N VAL B 50 -19.85 22.59 8.61
CA VAL B 50 -20.68 23.49 9.39
C VAL B 50 -22.09 22.98 9.60
N ASP B 51 -22.57 22.07 8.76
CA ASP B 51 -23.91 21.53 8.93
C ASP B 51 -24.03 20.80 10.26
N LYS B 52 -25.23 20.87 10.84
CA LYS B 52 -25.48 20.12 12.07
C LYS B 52 -25.52 18.64 11.75
N PRO B 53 -24.66 17.82 12.36
CA PRO B 53 -24.69 16.39 12.07
C PRO B 53 -25.93 15.73 12.66
N THR B 54 -26.35 14.66 12.03
CA THR B 54 -27.41 13.81 12.59
C THR B 54 -26.76 12.72 13.41
N ARG B 55 -27.29 12.50 14.61
CA ARG B 55 -26.81 11.46 15.51
C ARG B 55 -27.99 10.53 15.82
N PRO B 56 -28.36 9.67 14.89
CA PRO B 56 -29.48 8.75 15.11
C PRO B 56 -29.09 7.62 16.06
N ASP B 57 -29.09 7.94 17.34
CA ASP B 57 -28.37 7.14 18.33
C ASP B 57 -28.74 5.66 18.28
N VAL B 58 -30.00 5.33 18.58
CA VAL B 58 -30.34 3.93 18.75
C VAL B 58 -30.71 3.24 17.45
N SER B 59 -31.01 3.99 16.40
CA SER B 59 -31.40 3.37 15.14
C SER B 59 -30.20 2.86 14.36
N VAL B 60 -29.03 3.48 14.53
CA VAL B 60 -27.84 3.06 13.83
C VAL B 60 -26.79 2.44 14.75
N ASN B 61 -26.68 2.91 15.99
CA ASN B 61 -25.71 2.35 16.93
C ASN B 61 -26.35 1.14 17.58
N ARG B 62 -26.08 -0.02 16.99
CA ARG B 62 -26.66 -1.28 17.43
C ARG B 62 -25.90 -2.39 16.75
N PHE B 63 -26.01 -3.59 17.29
CA PHE B 63 -25.26 -4.73 16.77
C PHE B 63 -25.93 -5.27 15.52
N TYR B 64 -25.21 -5.26 14.41
CA TYR B 64 -25.66 -5.85 13.16
C TYR B 64 -24.88 -7.13 12.93
N THR B 65 -25.54 -8.27 13.10
CA THR B 65 -24.95 -9.55 12.72
C THR B 65 -24.96 -9.64 11.20
N LEU B 66 -23.79 -9.61 10.59
CA LEU B 66 -23.66 -9.39 9.16
C LEU B 66 -23.26 -10.62 8.36
N SER B 67 -22.34 -11.44 8.87
CA SER B 67 -21.83 -12.53 8.05
C SER B 67 -21.47 -13.71 8.94
N THR B 68 -21.65 -14.90 8.38
CA THR B 68 -21.25 -16.14 9.03
C THR B 68 -20.40 -16.93 8.06
N LYS B 69 -19.15 -17.17 8.40
CA LYS B 69 -18.21 -17.88 7.55
C LYS B 69 -17.87 -19.21 8.20
N SER B 70 -17.90 -20.27 7.40
CA SER B 70 -17.64 -21.61 7.91
C SER B 70 -16.14 -21.82 8.00
N TRP B 71 -15.64 -21.95 9.23
CA TRP B 71 -14.23 -22.23 9.44
C TRP B 71 -13.93 -23.66 9.06
N LYS B 72 -13.01 -23.86 8.14
CA LYS B 72 -12.59 -25.17 7.71
C LYS B 72 -11.12 -25.37 8.05
N THR B 73 -10.63 -26.58 7.82
CA THR B 73 -9.24 -26.89 8.16
C THR B 73 -8.27 -26.11 7.29
N GLU B 74 -8.61 -25.91 6.01
CA GLU B 74 -7.74 -25.24 5.07
C GLU B 74 -8.14 -23.79 4.84
N SER B 75 -8.96 -23.21 5.72
CA SER B 75 -9.42 -21.85 5.52
C SER B 75 -8.29 -20.87 5.74
N THR B 76 -8.24 -19.85 4.89
CA THR B 76 -7.18 -18.86 4.97
C THR B 76 -7.52 -17.69 5.87
N GLY B 77 -8.79 -17.34 5.96
CA GLY B 77 -9.23 -16.18 6.71
C GLY B 77 -10.15 -15.30 5.88
N TRP B 78 -10.68 -14.30 6.56
CA TRP B 78 -11.64 -13.39 5.94
C TRP B 78 -11.37 -11.98 6.44
N TYR B 79 -11.72 -11.00 5.60
CA TYR B 79 -11.60 -9.61 6.00
C TYR B 79 -12.80 -8.84 5.52
N TRP B 80 -13.23 -7.88 6.34
CA TRP B 80 -14.28 -6.95 6.02
C TRP B 80 -13.75 -5.54 6.15
N LYS B 81 -14.43 -4.60 5.49
CA LYS B 81 -14.13 -3.18 5.62
C LYS B 81 -15.30 -2.52 6.34
N PHE B 82 -15.02 -1.91 7.49
CA PHE B 82 -16.09 -1.61 8.44
C PHE B 82 -17.22 -0.76 7.87
N PRO B 83 -16.97 0.39 7.25
CA PRO B 83 -18.12 1.11 6.68
C PRO B 83 -18.76 0.34 5.55
N ASP B 84 -17.95 -0.29 4.68
CA ASP B 84 -18.50 -1.00 3.55
C ASP B 84 -19.36 -2.18 3.98
N VAL B 85 -19.05 -2.79 5.12
CA VAL B 85 -19.80 -3.96 5.55
C VAL B 85 -21.18 -3.60 6.08
N LEU B 86 -21.42 -2.32 6.40
CA LEU B 86 -22.71 -1.87 6.90
C LEU B 86 -23.38 -0.86 5.97
N ASN B 87 -22.82 -0.61 4.79
CA ASN B 87 -23.32 0.46 3.95
C ASN B 87 -24.65 0.13 3.31
N ASP B 88 -25.08 -1.12 3.31
CA ASP B 88 -26.36 -1.51 2.73
C ASP B 88 -27.24 -2.21 3.75
N THR B 89 -27.08 -1.89 5.03
CA THR B 89 -27.77 -2.60 6.10
C THR B 89 -28.37 -1.62 7.08
N GLY B 90 -29.66 -1.75 7.34
CA GLY B 90 -30.34 -1.00 8.36
C GLY B 90 -30.33 0.49 8.13
N VAL B 91 -30.71 1.21 9.19
CA VAL B 91 -30.77 2.66 9.13
C VAL B 91 -29.38 3.26 9.05
N PHE B 92 -28.35 2.52 9.45
CA PHE B 92 -26.99 2.98 9.24
C PHE B 92 -26.69 3.11 7.76
N GLY B 93 -27.02 2.09 6.99
CA GLY B 93 -26.78 2.15 5.55
C GLY B 93 -27.52 3.31 4.90
N GLN B 94 -28.76 3.55 5.32
CA GLN B 94 -29.52 4.64 4.74
C GLN B 94 -28.87 5.98 5.06
N ASN B 95 -28.46 6.19 6.31
CA ASN B 95 -27.76 7.41 6.65
C ASN B 95 -26.42 7.49 5.94
N ALA B 96 -25.75 6.36 5.75
CA ALA B 96 -24.48 6.36 5.05
C ALA B 96 -24.65 6.68 3.57
N GLN B 97 -25.82 6.39 3.00
CA GLN B 97 -26.08 6.71 1.61
C GLN B 97 -26.65 8.11 1.43
N PHE B 98 -27.51 8.55 2.34
CA PHE B 98 -28.11 9.87 2.20
C PHE B 98 -27.17 11.00 2.60
N HIS B 99 -26.13 10.71 3.36
CA HIS B 99 -25.23 11.74 3.86
C HIS B 99 -23.85 11.58 3.23
N TYR B 100 -23.27 12.71 2.84
CA TYR B 100 -21.93 12.69 2.26
C TYR B 100 -20.88 12.36 3.33
N LEU B 101 -21.01 12.96 4.50
CA LEU B 101 -20.04 12.79 5.56
C LEU B 101 -20.55 11.79 6.59
N TYR B 102 -19.61 11.08 7.20
CA TYR B 102 -19.92 10.06 8.19
C TYR B 102 -18.70 9.88 9.08
N ARG B 103 -18.94 9.69 10.37
CA ARG B 103 -17.91 9.22 11.27
C ARG B 103 -18.55 8.36 12.34
N SER B 104 -17.85 7.31 12.75
CA SER B 104 -18.36 6.41 13.76
C SER B 104 -17.25 5.47 14.20
N GLY B 105 -17.27 5.12 15.48
CA GLY B 105 -16.52 3.98 15.94
C GLY B 105 -17.30 2.71 15.73
N PHE B 106 -16.79 1.61 16.25
CA PHE B 106 -17.56 0.38 16.21
C PHE B 106 -17.14 -0.55 17.34
N CYS B 107 -18.02 -1.50 17.63
CA CYS B 107 -17.77 -2.56 18.59
C CYS B 107 -17.86 -3.87 17.80
N MET B 108 -16.73 -4.30 17.25
CA MET B 108 -16.67 -5.54 16.50
C MET B 108 -16.68 -6.73 17.45
N HIS B 109 -17.60 -7.66 17.22
CA HIS B 109 -17.74 -8.85 18.05
C HIS B 109 -17.75 -10.07 17.15
N VAL B 110 -16.63 -10.79 17.11
CA VAL B 110 -16.53 -12.01 16.33
C VAL B 110 -16.84 -13.19 17.23
N GLN B 111 -17.68 -14.09 16.73
CA GLN B 111 -18.16 -15.23 17.51
C GLN B 111 -17.78 -16.52 16.80
N CYS B 112 -17.08 -17.39 17.52
CA CYS B 112 -16.76 -18.72 17.00
C CYS B 112 -16.72 -19.67 18.19
N ASN B 113 -17.75 -20.48 18.35
CA ASN B 113 -17.81 -21.46 19.41
C ASN B 113 -17.55 -22.84 18.86
N ALA B 114 -16.84 -23.66 19.64
CA ALA B 114 -16.57 -25.04 19.28
C ALA B 114 -16.46 -25.86 20.55
N SER B 115 -16.60 -27.17 20.41
CA SER B 115 -16.56 -28.04 21.56
C SER B 115 -15.19 -28.02 22.21
N LYS B 116 -15.15 -28.50 23.46
CA LYS B 116 -13.87 -28.63 24.16
C LYS B 116 -12.97 -29.68 23.54
N PHE B 117 -13.43 -30.37 22.51
CA PHE B 117 -12.62 -31.33 21.76
C PHE B 117 -12.16 -30.78 20.43
N HIS B 118 -12.59 -29.58 20.06
CA HIS B 118 -12.03 -28.88 18.92
C HIS B 118 -10.82 -28.08 19.36
N GLN B 119 -10.02 -27.67 18.38
CA GLN B 119 -8.87 -26.81 18.63
C GLN B 119 -8.70 -25.87 17.45
N GLY B 120 -7.97 -24.80 17.69
CA GLY B 120 -7.73 -23.79 16.68
C GLY B 120 -7.67 -22.42 17.32
N ALA B 121 -7.06 -21.49 16.58
CA ALA B 121 -6.90 -20.13 17.07
C ALA B 121 -7.08 -19.16 15.93
N LEU B 122 -8.02 -18.24 16.08
CA LEU B 122 -8.23 -17.15 15.15
C LEU B 122 -7.51 -15.90 15.64
N LEU B 123 -7.08 -15.07 14.70
CA LEU B 123 -6.54 -13.76 15.01
C LEU B 123 -7.55 -12.73 14.50
N VAL B 124 -8.30 -12.13 15.41
CA VAL B 124 -9.27 -11.11 15.08
C VAL B 124 -8.60 -9.76 15.30
N ALA B 125 -8.26 -9.07 14.23
CA ALA B 125 -7.60 -7.78 14.33
C ALA B 125 -8.38 -6.74 13.53
N ALA B 126 -8.36 -5.52 14.02
CA ALA B 126 -8.98 -4.38 13.35
C ALA B 126 -7.87 -3.49 12.84
N ILE B 127 -7.72 -3.44 11.52
CA ILE B 127 -6.58 -2.79 10.88
C ILE B 127 -7.05 -1.45 10.31
N PRO B 128 -6.60 -0.32 10.86
CA PRO B 128 -6.95 0.97 10.27
C PRO B 128 -6.28 1.15 8.92
N GLU B 129 -7.05 1.63 7.95
CA GLU B 129 -6.58 1.88 6.59
C GLU B 129 -5.96 0.61 6.00
N PHE B 130 -6.79 -0.43 5.93
CA PHE B 130 -6.36 -1.74 5.46
C PHE B 130 -6.37 -1.73 3.93
N VAL B 131 -5.29 -1.21 3.36
CA VAL B 131 -5.17 -1.18 1.91
C VAL B 131 -4.86 -2.57 1.42
N ILE B 132 -5.71 -3.11 0.57
CA ILE B 132 -5.57 -4.48 0.09
C ILE B 132 -4.59 -4.49 -1.07
N ALA B 133 -3.60 -5.36 -1.01
CA ALA B 133 -2.61 -5.50 -2.06
C ALA B 133 -3.03 -6.57 -3.05
N ALA B 134 -2.47 -6.48 -4.25
CA ALA B 134 -2.62 -7.51 -5.26
C ALA B 134 -1.31 -8.27 -5.38
N SER B 135 -1.41 -9.58 -5.59
CA SER B 135 -0.25 -10.43 -5.79
C SER B 135 -0.11 -10.68 -7.27
N SER B 136 0.90 -10.08 -7.88
CA SER B 136 1.09 -10.17 -9.32
C SER B 136 2.55 -10.48 -9.63
N PRO B 137 2.81 -11.18 -10.73
CA PRO B 137 4.18 -11.29 -11.23
C PRO B 137 4.71 -9.93 -11.66
N ALA B 138 6.00 -9.89 -11.96
CA ALA B 138 6.61 -8.67 -12.46
C ALA B 138 5.97 -8.31 -13.79
N THR B 139 5.19 -7.23 -13.82
CA THR B 139 4.45 -6.85 -15.01
C THR B 139 4.46 -5.34 -15.16
N LYS B 140 4.05 -4.90 -16.33
CA LYS B 140 3.93 -3.48 -16.61
C LYS B 140 2.80 -2.88 -15.78
N PRO B 141 2.86 -1.56 -15.52
CA PRO B 141 1.76 -0.92 -14.79
C PRO B 141 0.43 -0.99 -15.50
N ASN B 142 0.44 -1.37 -16.77
CA ASN B 142 -0.80 -1.61 -17.51
C ASN B 142 -1.52 -2.86 -17.05
N SER B 143 -0.83 -3.76 -16.36
CA SER B 143 -1.39 -5.08 -16.07
C SER B 143 -2.49 -5.02 -15.03
N GLN B 144 -3.52 -5.82 -15.25
CA GLN B 144 -4.67 -5.82 -14.35
C GLN B 144 -4.33 -6.45 -13.01
N GLY B 145 -3.44 -7.43 -12.99
CA GLY B 145 -3.12 -8.12 -11.77
C GLY B 145 -2.38 -7.29 -10.74
N LEU B 146 -1.86 -6.13 -11.12
CA LEU B 146 -1.12 -5.31 -10.19
C LEU B 146 -2.02 -4.62 -9.18
N TYR B 147 -3.32 -4.50 -9.47
CA TYR B 147 -4.20 -3.74 -8.61
C TYR B 147 -5.45 -4.55 -8.30
N PRO B 148 -5.91 -4.53 -7.04
CA PRO B 148 -7.05 -5.35 -6.66
C PRO B 148 -8.35 -4.81 -7.22
N ASP B 149 -9.24 -5.71 -7.61
CA ASP B 149 -10.55 -5.31 -8.08
C ASP B 149 -11.39 -4.80 -6.91
N PHE B 150 -12.53 -4.21 -7.24
CA PHE B 150 -13.37 -3.61 -6.21
C PHE B 150 -13.95 -4.64 -5.27
N ALA B 151 -14.16 -5.87 -5.74
CA ALA B 151 -14.68 -6.91 -4.88
C ALA B 151 -13.72 -7.23 -3.74
N HIS B 152 -12.42 -7.01 -3.95
CA HIS B 152 -11.44 -7.25 -2.90
C HIS B 152 -11.19 -6.03 -2.03
N THR B 153 -11.35 -4.83 -2.60
CA THR B 153 -11.15 -3.63 -1.79
C THR B 153 -12.36 -3.36 -0.90
N ASN B 154 -13.56 -3.54 -1.44
CA ASN B 154 -14.79 -3.38 -0.69
C ASN B 154 -15.58 -4.67 -0.82
N PRO B 155 -15.34 -5.65 0.07
CA PRO B 155 -15.98 -6.95 -0.08
C PRO B 155 -17.45 -6.95 0.25
N GLY B 156 -17.99 -5.87 0.80
CA GLY B 156 -19.39 -5.82 1.15
C GLY B 156 -19.62 -6.41 2.54
N LYS B 157 -20.82 -6.96 2.72
CA LYS B 157 -21.13 -7.63 3.98
C LYS B 157 -20.66 -9.07 4.00
N ASP B 158 -20.47 -9.69 2.84
CA ASP B 158 -20.05 -11.07 2.80
C ASP B 158 -18.59 -11.25 3.17
N GLY B 159 -17.79 -10.20 3.08
CA GLY B 159 -16.37 -10.31 3.34
C GLY B 159 -15.64 -10.92 2.17
N GLN B 160 -14.34 -11.08 2.35
CA GLN B 160 -13.49 -11.63 1.31
C GLN B 160 -12.52 -12.62 1.92
N GLU B 161 -12.45 -13.80 1.32
CA GLU B 161 -11.51 -14.82 1.77
C GLU B 161 -10.10 -14.37 1.44
N PHE B 162 -9.23 -14.40 2.44
CA PHE B 162 -7.84 -14.04 2.23
C PHE B 162 -7.21 -14.95 1.19
N ARG B 163 -6.44 -14.35 0.29
CA ARG B 163 -5.65 -15.12 -0.66
C ARG B 163 -4.31 -15.53 -0.05
N ASP B 164 -3.64 -14.60 0.60
CA ASP B 164 -2.35 -14.84 1.25
C ASP B 164 -2.41 -14.26 2.65
N PRO B 165 -3.03 -14.97 3.59
CA PRO B 165 -3.13 -14.43 4.96
C PRO B 165 -1.79 -14.24 5.63
N TYR B 166 -0.75 -14.91 5.14
CA TYR B 166 0.58 -14.75 5.72
C TYR B 166 1.08 -13.32 5.56
N VAL B 167 0.70 -12.64 4.49
CA VAL B 167 1.08 -11.26 4.26
C VAL B 167 -0.14 -10.34 4.33
N LEU B 168 -1.25 -10.82 4.90
CA LEU B 168 -2.47 -10.05 5.10
C LEU B 168 -3.04 -9.50 3.80
N ASP B 169 -2.61 -10.05 2.67
CA ASP B 169 -2.93 -9.47 1.36
C ASP B 169 -2.57 -7.99 1.31
N ALA B 170 -1.51 -7.63 2.02
CA ALA B 170 -1.07 -6.24 2.06
C ALA B 170 0.44 -6.09 2.00
N GLY B 171 1.19 -7.16 1.83
CA GLY B 171 2.63 -7.10 1.82
C GLY B 171 3.27 -6.98 3.19
N ILE B 172 2.47 -6.88 4.24
CA ILE B 172 2.96 -6.76 5.61
C ILE B 172 2.84 -8.11 6.28
N PRO B 173 3.80 -8.52 7.11
CA PRO B 173 3.72 -9.84 7.72
C PRO B 173 2.55 -9.95 8.69
N LEU B 174 1.83 -11.07 8.59
CA LEU B 174 0.73 -11.33 9.51
C LEU B 174 1.22 -11.40 10.94
N SER B 175 2.47 -11.81 11.14
CA SER B 175 3.00 -11.98 12.49
C SER B 175 3.03 -10.66 13.25
N GLN B 176 3.14 -9.54 12.55
CA GLN B 176 3.14 -8.23 13.18
C GLN B 176 1.77 -7.57 13.15
N ALA B 177 0.75 -8.26 12.67
CA ALA B 177 -0.60 -7.72 12.72
C ALA B 177 -1.08 -7.50 14.14
N LEU B 178 -0.38 -8.03 15.12
CA LEU B 178 -0.71 -7.81 16.51
C LEU B 178 -0.37 -6.39 16.97
N ILE B 179 0.29 -5.60 16.13
CA ILE B 179 0.47 -4.19 16.42
C ILE B 179 -0.86 -3.45 16.31
N PHE B 180 -1.81 -4.02 15.62
CA PHE B 180 -3.15 -3.48 15.52
C PHE B 180 -4.01 -3.96 16.67
N PRO B 181 -5.07 -3.25 17.00
CA PRO B 181 -6.01 -3.75 18.00
C PRO B 181 -6.55 -5.11 17.63
N HIS B 182 -6.20 -6.14 18.41
CA HIS B 182 -6.44 -7.51 18.03
C HIS B 182 -6.98 -8.29 19.22
N GLN B 183 -7.50 -9.47 18.93
CA GLN B 183 -7.87 -10.44 19.96
C GLN B 183 -7.87 -11.81 19.32
N TRP B 184 -7.46 -12.80 20.09
CA TRP B 184 -7.46 -14.18 19.63
C TRP B 184 -8.74 -14.88 20.05
N ILE B 185 -9.26 -15.72 19.16
CA ILE B 185 -10.27 -16.69 19.57
C ILE B 185 -9.58 -18.04 19.64
N ASN B 186 -9.07 -18.38 20.82
CA ASN B 186 -8.46 -19.67 21.07
C ASN B 186 -9.57 -20.58 21.59
N LEU B 187 -9.90 -21.62 20.82
CA LEU B 187 -11.10 -22.40 21.09
C LEU B 187 -11.09 -23.06 22.45
N ARG B 188 -9.92 -23.30 23.03
CA ARG B 188 -9.86 -23.82 24.38
C ARG B 188 -10.09 -22.75 25.43
N THR B 189 -10.05 -21.48 25.05
CA THR B 189 -10.09 -20.38 25.99
C THR B 189 -11.33 -19.51 25.87
N ASN B 190 -11.63 -19.02 24.68
CA ASN B 190 -12.75 -18.13 24.48
C ASN B 190 -13.41 -18.42 23.15
N ASN B 191 -14.66 -18.00 23.02
CA ASN B 191 -15.42 -18.16 21.79
C ASN B 191 -15.79 -16.84 21.14
N CYS B 192 -15.27 -15.73 21.65
CA CYS B 192 -15.62 -14.43 21.11
C CYS B 192 -14.43 -13.49 21.22
N ALA B 193 -14.41 -12.49 20.35
CA ALA B 193 -13.39 -11.45 20.37
C ALA B 193 -14.07 -10.12 20.14
N THR B 194 -13.95 -9.21 21.12
CA THR B 194 -14.59 -7.91 21.06
C THR B 194 -13.52 -6.82 20.95
N ILE B 195 -13.67 -5.97 19.95
CA ILE B 195 -12.76 -4.85 19.72
C ILE B 195 -13.59 -3.59 19.57
N ILE B 196 -13.38 -2.62 20.45
CA ILE B 196 -14.04 -1.33 20.38
C ILE B 196 -13.07 -0.35 19.76
N MET B 197 -13.36 0.08 18.54
CA MET B 197 -12.45 0.91 17.77
C MET B 197 -13.02 2.32 17.64
N PRO B 198 -12.29 3.34 18.04
CA PRO B 198 -12.75 4.72 17.79
C PRO B 198 -12.53 5.10 16.33
N TYR B 199 -13.17 6.19 15.94
CA TYR B 199 -13.03 6.68 14.58
C TYR B 199 -11.60 7.18 14.38
N ILE B 200 -10.87 6.52 13.50
CA ILE B 200 -9.50 6.90 13.16
C ILE B 200 -9.47 7.35 11.72
N ASN B 201 -9.04 8.58 11.50
CA ASN B 201 -8.93 9.15 10.17
C ASN B 201 -8.19 10.48 10.29
N ALA B 202 -7.48 10.83 9.23
CA ALA B 202 -6.87 12.15 9.17
C ALA B 202 -7.89 13.25 8.97
N LEU B 203 -9.17 12.91 8.89
CA LEU B 203 -10.27 13.83 8.69
C LEU B 203 -11.31 13.63 9.77
N PRO B 204 -12.00 14.69 10.18
CA PRO B 204 -13.05 14.50 11.19
C PRO B 204 -14.22 13.70 10.67
N PHE B 205 -14.62 13.92 9.43
CA PHE B 205 -15.65 13.13 8.78
C PHE B 205 -15.10 12.63 7.46
N ASP B 206 -15.78 11.65 6.87
CA ASP B 206 -15.35 11.13 5.59
C ASP B 206 -16.50 10.35 4.97
N SER B 207 -16.37 10.09 3.67
CA SER B 207 -17.42 9.41 2.93
C SER B 207 -17.45 7.93 3.33
N ALA B 208 -18.61 7.47 3.79
CA ALA B 208 -18.76 6.06 4.14
C ALA B 208 -18.68 5.16 2.93
N LEU B 209 -18.88 5.69 1.74
CA LEU B 209 -18.88 4.89 0.52
C LEU B 209 -17.49 4.77 -0.08
N ASN B 210 -16.78 5.90 -0.20
CA ASN B 210 -15.46 5.87 -0.81
C ASN B 210 -14.42 5.26 0.14
N HIS B 211 -14.35 5.77 1.35
CA HIS B 211 -13.27 5.45 2.27
C HIS B 211 -13.71 4.41 3.29
N SER B 212 -12.91 3.36 3.43
CA SER B 212 -13.10 2.36 4.48
C SER B 212 -12.04 2.61 5.55
N ASN B 213 -12.49 2.96 6.75
CA ASN B 213 -11.57 3.39 7.78
C ASN B 213 -10.76 2.22 8.34
N PHE B 214 -11.40 1.07 8.50
CA PHE B 214 -10.76 -0.06 9.16
C PHE B 214 -11.04 -1.33 8.38
N GLY B 215 -10.08 -2.24 8.44
CA GLY B 215 -10.28 -3.60 8.00
C GLY B 215 -10.51 -4.49 9.20
N LEU B 216 -11.29 -5.53 9.00
CA LEU B 216 -11.66 -6.46 10.07
C LEU B 216 -11.22 -7.85 9.65
N VAL B 217 -10.04 -8.26 10.07
CA VAL B 217 -9.45 -9.52 9.64
C VAL B 217 -9.74 -10.59 10.69
N VAL B 218 -10.08 -11.79 10.22
CA VAL B 218 -10.26 -12.96 11.06
C VAL B 218 -9.50 -14.08 10.38
N ILE B 219 -8.27 -14.35 10.84
CA ILE B 219 -7.36 -15.26 10.19
C ILE B 219 -7.12 -16.45 11.11
N PRO B 220 -7.32 -17.67 10.66
CA PRO B 220 -6.93 -18.83 11.47
C PRO B 220 -5.43 -19.02 11.52
N ILE B 221 -4.82 -18.75 12.67
CA ILE B 221 -3.40 -18.99 12.81
C ILE B 221 -3.13 -20.47 13.10
N SER B 222 -3.82 -21.01 14.11
CA SER B 222 -3.77 -22.43 14.38
C SER B 222 -4.97 -23.09 13.70
N PRO B 223 -4.77 -23.97 12.74
CA PRO B 223 -5.89 -24.46 11.94
C PRO B 223 -6.87 -25.28 12.76
N LEU B 224 -8.13 -25.21 12.35
CA LEU B 224 -9.20 -25.92 13.03
C LEU B 224 -9.02 -27.41 12.85
N LYS B 225 -8.63 -28.10 13.91
CA LYS B 225 -8.50 -29.55 13.90
C LYS B 225 -9.44 -30.16 14.92
N TYR B 226 -10.05 -31.27 14.54
CA TYR B 226 -10.94 -32.02 15.41
C TYR B 226 -10.91 -33.47 14.95
N CYS B 227 -11.57 -34.33 15.71
CA CYS B 227 -11.62 -35.74 15.39
C CYS B 227 -12.95 -36.10 14.75
N ASN B 228 -12.99 -37.28 14.14
CA ASN B 228 -14.21 -37.76 13.50
C ASN B 228 -15.30 -37.94 14.54
N GLY B 229 -16.47 -37.37 14.27
CA GLY B 229 -17.59 -37.35 15.19
C GLY B 229 -17.88 -35.99 15.74
N ALA B 230 -16.90 -35.11 15.78
CA ALA B 230 -17.13 -33.74 16.18
C ALA B 230 -17.90 -33.00 15.09
N THR B 231 -18.53 -31.91 15.48
CA THR B 231 -19.31 -31.12 14.54
C THR B 231 -18.39 -30.46 13.53
N THR B 232 -18.53 -30.84 12.26
CA THR B 232 -17.66 -30.33 11.23
C THR B 232 -17.87 -28.83 11.01
N GLU B 233 -19.12 -28.40 10.90
CA GLU B 233 -19.42 -27.01 10.65
C GLU B 233 -19.17 -26.18 11.89
N VAL B 234 -18.10 -25.39 11.88
CA VAL B 234 -17.75 -24.49 12.97
C VAL B 234 -17.79 -23.07 12.43
N PRO B 235 -18.90 -22.37 12.61
CA PRO B 235 -19.06 -21.05 11.98
C PRO B 235 -18.31 -19.96 12.73
N ILE B 236 -18.11 -18.87 12.01
CA ILE B 236 -17.50 -17.65 12.54
C ILE B 236 -18.42 -16.50 12.16
N THR B 237 -19.01 -15.87 13.16
CA THR B 237 -20.02 -14.84 12.94
C THR B 237 -19.47 -13.47 13.30
N LEU B 238 -19.73 -12.49 12.44
CA LEU B 238 -19.28 -11.13 12.63
C LEU B 238 -20.48 -10.27 13.00
N THR B 239 -20.54 -9.84 14.26
CA THR B 239 -21.53 -8.88 14.72
C THR B 239 -20.80 -7.60 15.08
N ILE B 240 -21.12 -6.52 14.38
CA ILE B 240 -20.50 -5.23 14.64
C ILE B 240 -21.57 -4.23 15.01
N ALA B 241 -21.17 -3.23 15.78
CA ALA B 241 -22.09 -2.20 16.20
C ALA B 241 -21.44 -0.83 16.06
N PRO B 242 -22.00 0.04 15.23
CA PRO B 242 -21.51 1.42 15.20
C PRO B 242 -21.65 2.07 16.57
N LEU B 243 -20.73 2.97 16.88
CA LEU B 243 -20.71 3.68 18.14
C LEU B 243 -20.45 5.14 17.85
N ASN B 244 -21.37 6.00 18.29
CA ASN B 244 -21.27 7.45 18.08
C ASN B 244 -21.22 7.78 16.60
N SER B 245 -22.26 7.37 15.89
CA SER B 245 -22.35 7.58 14.46
C SER B 245 -22.92 8.97 14.18
N GLU B 246 -22.16 9.78 13.45
CA GLU B 246 -22.63 11.06 12.97
C GLU B 246 -22.71 11.03 11.45
N PHE B 247 -23.61 11.83 10.90
CA PHE B 247 -23.77 11.94 9.47
C PHE B 247 -24.09 13.38 9.13
N SER B 248 -23.35 13.95 8.19
CA SER B 248 -23.59 15.30 7.72
C SER B 248 -23.62 15.31 6.20
N GLY B 249 -24.13 16.39 5.64
CA GLY B 249 -24.20 16.53 4.20
C GLY B 249 -25.33 15.75 3.58
N LEU B 250 -26.55 16.07 3.95
CA LEU B 250 -27.71 15.35 3.43
C LEU B 250 -27.92 15.67 1.96
N ARG B 251 -28.24 14.64 1.19
CA ARG B 251 -28.49 14.78 -0.24
C ARG B 251 -29.24 13.53 -0.70
N GLN B 252 -29.35 13.38 -2.01
CA GLN B 252 -29.91 12.16 -2.58
C GLN B 252 -29.09 10.96 -2.15
N ALA B 253 -29.78 9.84 -1.92
CA ALA B 253 -29.09 8.63 -1.49
C ALA B 253 -28.20 8.09 -2.60
N ILE B 254 -26.93 7.88 -2.29
CA ILE B 254 -25.94 7.41 -3.23
C ILE B 254 -25.48 6.03 -2.81
N LYS B 255 -25.54 5.07 -3.72
CA LYS B 255 -25.23 3.69 -3.40
C LYS B 255 -23.73 3.46 -3.31
N GLN B 256 -23.02 3.76 -4.38
CA GLN B 256 -21.57 3.58 -4.42
C GLN B 256 -20.88 4.80 -5.00
N GLY C 1 31.29 44.56 8.04
CA GLY C 1 31.30 43.11 8.04
C GLY C 1 31.87 42.52 9.31
N PHE C 2 31.07 41.73 10.00
CA PHE C 2 31.53 41.09 11.22
C PHE C 2 32.57 40.03 10.88
N PRO C 3 33.74 40.07 11.51
CA PRO C 3 34.80 39.11 11.15
C PRO C 3 34.39 37.68 11.51
N THR C 4 34.45 36.80 10.52
CA THR C 4 34.16 35.39 10.72
C THR C 4 35.22 34.56 10.00
N GLU C 5 35.39 33.33 10.46
CA GLU C 5 36.31 32.38 9.85
C GLU C 5 35.58 31.07 9.63
N LEU C 6 35.54 30.61 8.39
CA LEU C 6 34.87 29.36 8.07
C LEU C 6 35.70 28.18 8.52
N LYS C 7 35.07 27.24 9.18
CA LYS C 7 35.72 26.08 9.73
C LYS C 7 35.44 24.85 8.89
N PRO C 8 36.19 23.77 9.06
CA PRO C 8 35.87 22.52 8.38
C PRO C 8 34.44 22.08 8.68
N GLY C 9 33.87 21.34 7.74
CA GLY C 9 32.45 21.09 7.75
C GLY C 9 31.64 22.16 7.08
N THR C 10 32.29 23.17 6.53
CA THR C 10 31.60 24.18 5.75
C THR C 10 31.13 23.59 4.42
N ASN C 11 29.90 23.91 4.05
CA ASN C 11 29.25 23.51 2.81
C ASN C 11 28.88 22.04 2.76
N GLN C 12 29.13 21.27 3.81
CA GLN C 12 28.78 19.86 3.80
C GLN C 12 27.29 19.69 4.06
N PHE C 13 26.73 18.62 3.52
CA PHE C 13 25.35 18.25 3.75
C PHE C 13 25.34 16.97 4.56
N LEU C 14 25.24 17.10 5.87
CA LEU C 14 25.09 15.98 6.77
C LEU C 14 23.62 15.60 6.85
N THR C 15 23.29 14.37 6.49
CA THR C 15 21.90 13.94 6.42
C THR C 15 21.24 13.87 7.79
N THR C 16 22.01 13.95 8.87
CA THR C 16 21.47 13.88 10.23
C THR C 16 21.76 15.15 10.99
N ASP C 17 21.66 16.29 10.32
CA ASP C 17 21.94 17.60 10.92
C ASP C 17 20.62 18.29 11.21
N ASP C 18 20.29 18.44 12.48
CA ASP C 18 19.06 19.11 12.90
C ASP C 18 19.33 20.61 12.93
N GLY C 19 19.20 21.23 11.76
CA GLY C 19 19.43 22.66 11.63
C GLY C 19 18.24 23.33 10.98
N THR C 20 18.30 24.66 10.95
CA THR C 20 17.25 25.46 10.35
C THR C 20 17.47 25.60 8.85
N SER C 21 16.39 25.88 8.13
CA SER C 21 16.41 26.11 6.71
C SER C 21 15.28 27.09 6.39
N PRO C 22 15.43 27.91 5.36
CA PRO C 22 14.43 28.94 5.08
C PRO C 22 13.11 28.33 4.67
N PRO C 23 12.00 28.88 5.16
CA PRO C 23 10.68 28.34 4.81
C PRO C 23 10.26 28.78 3.42
N ILE C 24 9.78 27.82 2.62
CA ILE C 24 9.37 28.13 1.25
C ILE C 24 8.08 28.92 1.22
N LEU C 25 7.26 28.83 2.26
CA LEU C 25 5.94 29.45 2.26
C LEU C 25 5.84 30.44 3.40
N PRO C 26 5.98 31.74 3.13
CA PRO C 26 5.82 32.73 4.19
C PRO C 26 4.39 32.75 4.71
N GLY C 27 4.25 32.74 6.03
CA GLY C 27 2.94 32.86 6.64
C GLY C 27 2.03 31.68 6.43
N PHE C 28 2.59 30.50 6.24
CA PHE C 28 1.79 29.30 6.00
C PHE C 28 1.32 28.74 7.34
N GLU C 29 0.01 28.68 7.52
CA GLU C 29 -0.57 28.00 8.66
C GLU C 29 -1.14 26.67 8.20
N PRO C 30 -0.64 25.54 8.68
CA PRO C 30 -1.11 24.25 8.18
C PRO C 30 -2.52 23.95 8.64
N THR C 31 -3.06 22.87 8.08
CA THR C 31 -4.36 22.37 8.52
C THR C 31 -4.33 22.10 10.01
N PRO C 32 -5.37 22.47 10.76
CA PRO C 32 -5.37 22.25 12.20
C PRO C 32 -5.12 20.80 12.56
N LEU C 33 -4.52 20.60 13.72
CA LEU C 33 -4.18 19.26 14.21
C LEU C 33 -5.35 18.75 15.05
N ILE C 34 -6.11 17.84 14.48
CA ILE C 34 -7.20 17.19 15.20
C ILE C 34 -6.65 15.94 15.87
N HIS C 35 -7.36 15.46 16.88
CA HIS C 35 -6.93 14.28 17.60
C HIS C 35 -7.17 13.03 16.76
N ILE C 36 -6.12 12.28 16.51
CA ILE C 36 -6.21 10.98 15.83
C ILE C 36 -5.82 9.92 16.85
N PRO C 37 -6.63 8.90 17.06
CA PRO C 37 -6.26 7.85 18.01
C PRO C 37 -5.07 7.05 17.53
N GLY C 38 -4.27 6.61 18.50
CA GLY C 38 -3.17 5.70 18.20
C GLY C 38 -1.87 6.38 17.85
N GLU C 39 -1.56 7.49 18.50
CA GLU C 39 -0.29 8.16 18.28
C GLU C 39 0.81 7.45 19.06
N PHE C 40 1.91 7.16 18.38
CA PHE C 40 3.08 6.59 19.02
C PHE C 40 4.24 7.55 18.88
N THR C 41 4.90 7.83 20.00
CA THR C 41 6.00 8.77 20.04
C THR C 41 7.34 8.12 20.27
N SER C 42 7.36 6.81 20.50
CA SER C 42 8.59 6.09 20.78
C SER C 42 8.52 4.72 20.13
N LEU C 43 9.61 4.31 19.48
CA LEU C 43 9.65 3.00 18.87
C LEU C 43 9.80 1.89 19.89
N LEU C 44 10.25 2.21 21.11
CA LEU C 44 10.28 1.22 22.17
C LEU C 44 8.88 0.80 22.58
N ASP C 45 7.92 1.73 22.51
CA ASP C 45 6.54 1.36 22.79
C ASP C 45 6.03 0.33 21.80
N LEU C 46 6.53 0.38 20.57
CA LEU C 46 6.17 -0.62 19.56
C LEU C 46 6.88 -1.94 19.81
N CYS C 47 8.11 -1.89 20.32
CA CYS C 47 8.86 -3.12 20.57
C CYS C 47 8.30 -3.92 21.71
N GLN C 48 7.52 -3.30 22.60
CA GLN C 48 6.92 -4.02 23.71
C GLN C 48 5.64 -4.72 23.33
N VAL C 49 5.13 -4.51 22.12
CA VAL C 49 3.94 -5.20 21.65
C VAL C 49 4.34 -6.59 21.19
N GLU C 50 3.65 -7.60 21.69
CA GLU C 50 3.98 -8.98 21.36
C GLU C 50 3.52 -9.31 19.96
N THR C 51 4.43 -9.86 19.17
CA THR C 51 4.15 -10.26 17.80
C THR C 51 4.64 -11.68 17.60
N ILE C 52 4.06 -12.35 16.61
CA ILE C 52 4.24 -13.80 16.48
C ILE C 52 5.66 -14.10 16.04
N LEU C 53 6.36 -14.92 16.81
CA LEU C 53 7.65 -15.43 16.39
C LEU C 53 7.46 -16.51 15.34
N GLU C 54 8.25 -16.44 14.28
CA GLU C 54 8.19 -17.44 13.22
C GLU C 54 9.15 -18.59 13.55
N VAL C 55 8.73 -19.39 14.52
CA VAL C 55 9.61 -20.44 15.04
C VAL C 55 9.67 -21.62 14.08
N ASN C 56 8.61 -21.86 13.32
CA ASN C 56 8.61 -22.95 12.34
C ASN C 56 9.09 -22.47 10.98
N ASN C 57 10.24 -21.81 10.98
CA ASN C 57 10.85 -21.31 9.75
C ASN C 57 11.70 -22.44 9.14
N THR C 58 11.02 -23.48 8.69
CA THR C 58 11.66 -24.66 8.16
C THR C 58 11.29 -24.85 6.70
N THR C 59 12.11 -25.61 5.99
CA THR C 59 11.85 -25.88 4.59
C THR C 59 10.56 -26.69 4.45
N GLY C 60 9.72 -26.26 3.52
CA GLY C 60 8.45 -26.93 3.30
C GLY C 60 7.30 -26.24 4.00
N THR C 61 7.56 -25.72 5.20
CA THR C 61 6.53 -25.00 5.93
C THR C 61 6.26 -23.67 5.25
N THR C 62 5.01 -23.45 4.87
CA THR C 62 4.63 -22.26 4.11
C THR C 62 3.49 -21.54 4.80
N GLY C 63 3.50 -20.21 4.68
CA GLY C 63 2.37 -19.42 5.12
C GLY C 63 2.27 -19.34 6.63
N VAL C 64 1.01 -19.30 7.10
CA VAL C 64 0.76 -19.14 8.52
C VAL C 64 1.26 -20.33 9.32
N SER C 65 1.52 -21.46 8.67
CA SER C 65 2.07 -22.62 9.37
C SER C 65 3.46 -22.35 9.92
N ARG C 66 4.17 -21.36 9.39
CA ARG C 66 5.48 -21.02 9.91
C ARG C 66 5.41 -20.34 11.26
N LEU C 67 4.23 -19.97 11.71
CA LEU C 67 4.04 -19.28 12.98
C LEU C 67 3.65 -20.22 14.10
N LEU C 68 3.62 -21.52 13.87
CA LEU C 68 3.14 -22.50 14.83
C LEU C 68 4.27 -23.40 15.28
N ILE C 69 4.36 -23.63 16.59
CA ILE C 69 5.26 -24.62 17.16
C ILE C 69 4.45 -25.89 17.38
N PRO C 70 4.62 -26.92 16.56
CA PRO C 70 3.80 -28.13 16.71
C PRO C 70 4.14 -28.86 18.00
N VAL C 71 3.09 -29.23 18.74
CA VAL C 71 3.21 -30.01 19.96
C VAL C 71 2.29 -31.21 19.83
N ARG C 72 2.81 -32.40 20.11
CA ARG C 72 2.05 -33.62 19.95
C ARG C 72 2.32 -34.55 21.12
N ALA C 73 1.51 -35.60 21.21
CA ALA C 73 1.72 -36.62 22.23
C ALA C 73 3.00 -37.38 21.91
N GLN C 74 3.89 -37.45 22.90
CA GLN C 74 5.19 -38.05 22.72
C GLN C 74 5.17 -39.51 23.17
N ASN C 75 5.88 -40.35 22.43
CA ASN C 75 6.06 -41.74 22.83
C ASN C 75 7.21 -41.92 23.80
N ASN C 76 8.14 -40.99 23.84
CA ASN C 76 9.25 -40.99 24.79
C ASN C 76 9.18 -39.75 25.65
N VAL C 77 10.03 -39.72 26.68
CA VAL C 77 10.00 -38.66 27.67
C VAL C 77 11.22 -37.75 27.49
N ASP C 78 11.11 -36.55 28.03
CA ASP C 78 12.20 -35.57 28.04
C ASP C 78 12.68 -35.28 26.62
N GLN C 79 11.75 -34.90 25.76
CA GLN C 79 12.05 -34.65 24.35
C GLN C 79 12.01 -33.15 24.08
N LEU C 80 12.58 -32.77 22.94
CA LEU C 80 12.69 -31.39 22.54
C LEU C 80 11.55 -31.04 21.60
N CYS C 81 10.80 -30.00 21.93
CA CYS C 81 9.72 -29.52 21.08
C CYS C 81 10.25 -28.55 20.03
N ALA C 82 10.91 -27.48 20.45
CA ALA C 82 11.43 -26.51 19.52
C ALA C 82 12.53 -25.72 20.20
N SER C 83 13.37 -25.10 19.38
CA SER C 83 14.43 -24.23 19.86
C SER C 83 14.57 -23.07 18.90
N PHE C 84 15.03 -21.94 19.42
CA PHE C 84 15.32 -20.79 18.58
C PHE C 84 16.24 -19.85 19.34
N GLN C 85 17.13 -19.20 18.61
CA GLN C 85 18.00 -18.21 19.22
C GLN C 85 17.21 -16.94 19.53
N VAL C 86 17.67 -16.23 20.55
CA VAL C 86 16.95 -15.05 21.02
C VAL C 86 17.70 -13.79 20.63
N ASP C 87 18.45 -13.86 19.54
CA ASP C 87 19.05 -12.66 18.99
C ASP C 87 17.99 -11.94 18.16
N PRO C 88 17.55 -10.76 18.60
CA PRO C 88 16.41 -10.11 17.92
C PRO C 88 16.67 -9.76 16.48
N GLY C 89 17.89 -9.32 16.15
CA GLY C 89 18.19 -8.92 14.80
C GLY C 89 18.78 -9.99 13.92
N ARG C 90 18.83 -11.22 14.38
CA ARG C 90 19.40 -12.30 13.59
C ARG C 90 18.36 -12.86 12.65
N ASN C 91 18.80 -13.19 11.43
CA ASN C 91 17.91 -13.86 10.48
C ASN C 91 17.39 -15.15 11.10
N GLY C 92 16.10 -15.18 11.39
CA GLY C 92 15.50 -16.29 12.07
C GLY C 92 14.11 -15.94 12.54
N PRO C 93 13.63 -16.63 13.59
CA PRO C 93 12.25 -16.43 14.03
C PRO C 93 11.93 -15.01 14.45
N TRP C 94 12.90 -14.24 14.91
CA TRP C 94 12.62 -12.90 15.38
C TRP C 94 12.41 -11.90 14.27
N GLN C 95 12.67 -12.28 13.01
CA GLN C 95 12.38 -11.37 11.90
C GLN C 95 10.91 -11.06 11.81
N SER C 96 10.07 -12.02 12.15
CA SER C 96 8.63 -11.84 12.07
C SER C 96 8.06 -10.96 13.18
N THR C 97 8.90 -10.48 14.09
CA THR C 97 8.44 -9.70 15.21
C THR C 97 8.69 -8.22 14.99
N MET C 98 7.83 -7.40 15.60
CA MET C 98 8.01 -5.96 15.53
C MET C 98 9.30 -5.53 16.24
N VAL C 99 9.64 -6.20 17.34
CA VAL C 99 10.89 -5.91 18.01
C VAL C 99 12.07 -6.31 17.14
N GLY C 100 11.96 -7.44 16.44
CA GLY C 100 13.05 -7.89 15.60
C GLY C 100 13.23 -7.08 14.34
N GLN C 101 12.22 -6.33 13.93
CA GLN C 101 12.34 -5.46 12.78
C GLN C 101 12.75 -4.05 13.18
N ILE C 102 12.30 -3.57 14.33
CA ILE C 102 12.76 -2.26 14.79
C ILE C 102 14.18 -2.35 15.32
N CYS C 103 14.58 -3.52 15.84
CA CYS C 103 15.98 -3.72 16.21
C CYS C 103 16.90 -3.53 15.02
N ARG C 104 16.46 -3.92 13.83
CA ARG C 104 17.32 -3.84 12.66
C ARG C 104 17.54 -2.42 12.19
N TYR C 105 16.72 -1.48 12.62
CA TYR C 105 16.97 -0.07 12.36
C TYR C 105 17.94 0.52 13.37
N TYR C 106 18.51 -0.29 14.24
CA TYR C 106 19.45 0.16 15.24
C TYR C 106 20.62 -0.79 15.31
N THR C 107 21.76 -0.29 15.75
CA THR C 107 22.98 -1.09 15.77
C THR C 107 23.12 -1.89 17.04
N GLN C 108 22.74 -1.32 18.18
CA GLN C 108 22.91 -1.95 19.48
C GLN C 108 21.60 -1.95 20.23
N TRP C 109 21.30 -3.06 20.88
CA TRP C 109 20.09 -3.19 21.68
C TRP C 109 20.47 -3.58 23.11
N SER C 110 19.52 -3.39 24.01
CA SER C 110 19.72 -3.71 25.42
C SER C 110 18.37 -3.92 26.06
N GLY C 111 18.35 -4.73 27.10
CA GLY C 111 17.14 -4.96 27.88
C GLY C 111 16.65 -6.38 27.75
N SER C 112 15.69 -6.71 28.62
CA SER C 112 15.12 -8.03 28.63
C SER C 112 14.14 -8.21 27.49
N LEU C 113 14.04 -9.44 27.01
CA LEU C 113 13.05 -9.79 26.01
C LEU C 113 11.92 -10.56 26.70
N LYS C 114 10.97 -11.03 25.89
CA LYS C 114 9.79 -11.66 26.44
C LYS C 114 9.12 -12.45 25.33
N VAL C 115 8.94 -13.75 25.55
CA VAL C 115 8.25 -14.61 24.60
C VAL C 115 7.05 -15.21 25.32
N THR C 116 5.85 -14.84 24.92
CA THR C 116 4.62 -15.36 25.49
C THR C 116 4.13 -16.50 24.60
N PHE C 117 4.17 -17.71 25.13
CA PHE C 117 3.73 -18.89 24.40
C PHE C 117 2.26 -19.15 24.67
N MET C 118 1.47 -19.23 23.60
CA MET C 118 0.05 -19.50 23.71
C MET C 118 -0.24 -20.88 23.17
N PHE C 119 -0.85 -21.73 24.00
CA PHE C 119 -1.20 -23.08 23.60
C PHE C 119 -2.58 -23.07 22.95
N THR C 120 -2.65 -23.59 21.73
CA THR C 120 -3.85 -23.54 20.93
C THR C 120 -4.39 -24.93 20.66
N GLY C 121 -4.33 -25.80 21.66
CA GLY C 121 -4.90 -27.12 21.57
C GLY C 121 -6.32 -27.15 22.11
N SER C 122 -6.86 -28.36 22.19
CA SER C 122 -8.19 -28.53 22.74
C SER C 122 -8.17 -28.25 24.23
N PHE C 123 -9.34 -27.89 24.76
CA PHE C 123 -9.47 -27.71 26.21
C PHE C 123 -9.09 -28.98 26.95
N MET C 124 -9.32 -30.14 26.33
CA MET C 124 -9.01 -31.42 26.94
C MET C 124 -7.55 -31.79 26.84
N ALA C 125 -6.76 -31.07 26.05
CA ALA C 125 -5.34 -31.35 25.93
C ALA C 125 -4.58 -30.75 27.10
N THR C 126 -3.92 -31.60 27.87
CA THR C 126 -3.11 -31.16 29.00
C THR C 126 -1.65 -31.49 28.73
N GLY C 127 -0.77 -30.71 29.33
CA GLY C 127 0.64 -30.94 29.17
C GLY C 127 1.43 -29.91 29.93
N LYS C 128 2.66 -30.29 30.26
CA LYS C 128 3.62 -29.40 30.91
C LYS C 128 4.87 -29.31 30.06
N MET C 129 5.32 -28.08 29.79
CA MET C 129 6.51 -27.84 28.99
C MET C 129 7.55 -27.12 29.82
N LEU C 130 8.82 -27.42 29.56
CA LEU C 130 9.94 -26.72 30.16
C LEU C 130 10.54 -25.83 29.07
N ILE C 131 10.35 -24.53 29.19
CA ILE C 131 10.89 -23.57 28.26
C ILE C 131 12.10 -22.93 28.93
N ALA C 132 13.30 -23.23 28.41
CA ALA C 132 14.54 -22.84 29.03
C ALA C 132 15.27 -21.83 28.17
N TYR C 133 15.78 -20.78 28.81
CA TYR C 133 16.68 -19.83 28.17
C TYR C 133 18.10 -20.15 28.59
N THR C 134 18.94 -20.51 27.63
CA THR C 134 20.31 -20.85 27.91
C THR C 134 21.19 -19.64 27.65
N PRO C 135 21.81 -19.05 28.67
CA PRO C 135 22.66 -17.89 28.45
C PRO C 135 23.82 -18.22 27.54
N PRO C 136 24.54 -17.22 27.05
CA PRO C 136 25.59 -17.48 26.06
C PRO C 136 26.68 -18.39 26.60
N GLY C 137 27.54 -18.82 25.69
CA GLY C 137 28.61 -19.74 25.98
C GLY C 137 28.27 -21.19 25.77
N SER C 138 26.99 -21.53 25.83
CA SER C 138 26.53 -22.89 25.64
C SER C 138 25.77 -23.01 24.33
N ALA C 139 25.99 -24.12 23.63
CA ALA C 139 25.16 -24.43 22.48
C ALA C 139 23.77 -24.81 22.94
N GLN C 140 22.93 -25.16 21.98
CA GLN C 140 21.60 -25.62 22.33
C GLN C 140 21.71 -26.85 23.23
N PRO C 141 21.03 -26.86 24.37
CA PRO C 141 21.13 -28.02 25.27
C PRO C 141 20.67 -29.30 24.56
N THR C 142 21.45 -30.36 24.73
CA THR C 142 21.13 -31.63 24.10
C THR C 142 20.10 -32.43 24.89
N THR C 143 19.95 -32.15 26.18
CA THR C 143 18.98 -32.82 27.01
C THR C 143 18.24 -31.78 27.85
N ARG C 144 17.05 -32.15 28.30
CA ARG C 144 16.32 -31.30 29.22
C ARG C 144 17.07 -31.13 30.53
N GLU C 145 17.81 -32.15 30.95
CA GLU C 145 18.63 -32.04 32.14
C GLU C 145 19.67 -30.94 32.01
N ALA C 146 20.19 -30.72 30.80
CA ALA C 146 21.15 -29.66 30.59
C ALA C 146 20.47 -28.30 30.43
N ALA C 147 19.26 -28.28 29.90
CA ALA C 147 18.56 -27.02 29.69
C ALA C 147 18.00 -26.45 30.98
N MET C 148 17.58 -27.30 31.90
CA MET C 148 17.01 -26.81 33.15
C MET C 148 18.03 -26.14 34.05
N LEU C 149 19.30 -26.14 33.68
CA LEU C 149 20.31 -25.42 34.43
C LEU C 149 20.30 -23.92 34.12
N GLY C 150 19.58 -23.49 33.09
CA GLY C 150 19.45 -22.10 32.76
C GLY C 150 18.09 -21.54 33.17
N THR C 151 17.88 -20.27 32.83
CA THR C 151 16.62 -19.61 33.10
C THR C 151 15.49 -20.33 32.40
N HIS C 152 14.58 -20.94 33.16
CA HIS C 152 13.52 -21.73 32.56
C HIS C 152 12.22 -21.51 33.30
N ILE C 153 11.12 -21.85 32.63
CA ILE C 153 9.78 -21.83 33.20
C ILE C 153 9.12 -23.15 32.85
N VAL C 154 8.55 -23.80 33.86
CA VAL C 154 7.74 -25.00 33.64
C VAL C 154 6.31 -24.55 33.41
N TRP C 155 5.84 -24.69 32.19
CA TRP C 155 4.53 -24.19 31.77
C TRP C 155 3.50 -25.30 31.88
N ASP C 156 2.42 -25.03 32.59
CA ASP C 156 1.31 -25.97 32.75
C ASP C 156 0.14 -25.47 31.92
N PHE C 157 -0.30 -26.29 30.97
CA PHE C 157 -1.47 -25.94 30.17
C PHE C 157 -2.71 -25.94 31.03
N GLY C 158 -3.57 -24.96 30.82
CA GLY C 158 -4.78 -24.88 31.61
C GLY C 158 -5.73 -23.78 31.16
N LEU C 159 -6.48 -23.23 32.12
CA LEU C 159 -7.42 -22.17 31.78
C LEU C 159 -6.69 -20.95 31.23
N GLN C 160 -5.59 -20.58 31.87
CA GLN C 160 -4.75 -19.50 31.30
C GLN C 160 -3.95 -20.19 30.21
N SER C 161 -4.08 -19.78 28.97
CA SER C 161 -3.49 -20.53 27.84
C SER C 161 -2.11 -20.02 27.48
N SER C 162 -1.64 -19.03 28.19
CA SER C 162 -0.37 -18.41 27.76
C SER C 162 0.64 -18.35 28.90
N VAL C 163 1.90 -18.53 28.57
CA VAL C 163 2.96 -18.40 29.60
C VAL C 163 3.93 -17.36 29.06
N THR C 164 4.57 -16.62 29.95
CA THR C 164 5.59 -15.68 29.53
C THR C 164 6.95 -16.16 30.03
N LEU C 165 7.88 -16.31 29.11
CA LEU C 165 9.28 -16.56 29.45
C LEU C 165 10.04 -15.27 29.20
N VAL C 166 10.47 -14.62 30.28
CA VAL C 166 11.34 -13.46 30.13
C VAL C 166 12.75 -13.97 29.81
N ILE C 167 13.32 -13.45 28.74
CA ILE C 167 14.74 -13.64 28.48
C ILE C 167 15.44 -12.52 29.22
N PRO C 168 16.01 -12.77 30.40
CA PRO C 168 16.60 -11.69 31.17
C PRO C 168 17.83 -11.15 30.46
N TRP C 169 18.12 -9.88 30.72
CA TRP C 169 19.27 -9.23 30.12
C TRP C 169 20.53 -9.75 30.81
N ILE C 170 20.99 -10.91 30.34
CA ILE C 170 22.22 -11.51 30.84
C ILE C 170 23.27 -11.24 29.77
N SER C 171 24.03 -10.16 29.95
CA SER C 171 25.05 -9.77 29.00
C SER C 171 26.25 -9.21 29.76
N ASN C 172 27.43 -9.39 29.17
CA ASN C 172 28.63 -8.77 29.72
C ASN C 172 28.67 -7.28 29.42
N THR C 173 28.24 -6.89 28.23
CA THR C 173 28.21 -5.50 27.83
C THR C 173 26.84 -4.91 28.14
N HIS C 174 26.81 -3.58 28.27
CA HIS C 174 25.55 -2.89 28.47
C HIS C 174 24.64 -3.02 27.28
N PHE C 175 25.20 -3.12 26.09
CA PHE C 175 24.42 -3.28 24.87
C PHE C 175 24.96 -4.48 24.09
N ARG C 176 24.07 -5.09 23.32
CA ARG C 176 24.44 -6.11 22.35
C ARG C 176 24.26 -5.56 20.95
N ALA C 177 25.22 -5.83 20.08
CA ALA C 177 25.09 -5.44 18.70
C ALA C 177 24.00 -6.26 18.02
N VAL C 178 23.13 -5.58 17.27
CA VAL C 178 22.08 -6.26 16.54
C VAL C 178 22.66 -7.22 15.52
N LYS C 179 23.81 -6.87 14.95
CA LYS C 179 24.47 -7.77 14.01
C LYS C 179 24.97 -9.01 14.74
N THR C 180 24.78 -10.16 14.10
CA THR C 180 25.23 -11.44 14.64
C THR C 180 26.09 -12.14 13.61
N GLY C 181 26.69 -13.25 14.02
CA GLY C 181 27.49 -14.04 13.12
C GLY C 181 28.95 -13.64 13.10
N GLY C 182 29.83 -14.63 12.96
CA GLY C 182 31.25 -14.33 12.97
C GLY C 182 31.71 -13.92 14.36
N VAL C 183 32.61 -12.94 14.41
CA VAL C 183 33.06 -12.43 15.69
C VAL C 183 31.95 -11.75 16.46
N TYR C 184 30.83 -11.47 15.82
CA TYR C 184 29.69 -10.85 16.49
C TYR C 184 28.82 -11.86 17.22
N ASP C 185 29.21 -13.13 17.24
CA ASP C 185 28.63 -14.06 18.21
C ASP C 185 29.09 -13.75 19.62
N TYR C 186 30.04 -12.84 19.77
CA TYR C 186 30.33 -12.26 21.08
C TYR C 186 29.08 -11.67 21.70
N TYR C 187 28.17 -11.17 20.86
CA TYR C 187 26.92 -10.58 21.31
C TYR C 187 25.75 -11.57 21.22
N ALA C 188 26.04 -12.87 21.21
CA ALA C 188 24.98 -13.86 21.22
C ALA C 188 24.13 -13.71 22.47
N THR C 189 22.81 -13.79 22.29
CA THR C 189 21.92 -13.64 23.42
C THR C 189 21.64 -14.95 24.12
N GLY C 190 21.60 -16.05 23.39
CA GLY C 190 21.34 -17.34 23.96
C GLY C 190 20.39 -18.12 23.09
N ILE C 191 19.87 -19.21 23.63
CA ILE C 191 19.01 -20.12 22.93
C ILE C 191 17.84 -20.48 23.83
N VAL C 192 16.63 -20.43 23.28
CA VAL C 192 15.42 -20.82 24.01
C VAL C 192 14.95 -22.15 23.45
N THR C 193 14.92 -23.17 24.30
CA THR C 193 14.49 -24.50 23.91
C THR C 193 13.23 -24.87 24.68
N ILE C 194 12.28 -25.46 23.97
CA ILE C 194 11.02 -25.90 24.55
C ILE C 194 11.08 -27.42 24.70
N TRP C 195 10.98 -27.90 25.93
CA TRP C 195 11.06 -29.31 26.23
C TRP C 195 9.74 -29.82 26.78
N TYR C 196 9.48 -31.10 26.56
CA TYR C 196 8.32 -31.76 27.15
C TYR C 196 8.67 -32.08 28.60
N GLN C 197 8.18 -31.26 29.52
CA GLN C 197 8.35 -31.58 30.94
C GLN C 197 7.61 -32.86 31.29
N THR C 198 6.35 -32.92 30.94
CA THR C 198 5.56 -34.14 30.89
C THR C 198 5.10 -34.33 29.44
N ASN C 199 4.22 -35.28 29.22
CA ASN C 199 3.74 -35.54 27.88
C ASN C 199 2.63 -34.56 27.51
N PHE C 200 2.13 -34.69 26.29
CA PHE C 200 0.95 -34.00 25.80
C PHE C 200 -0.19 -35.00 25.84
N VAL C 201 -0.96 -34.98 26.92
CA VAL C 201 -1.95 -36.01 27.20
C VAL C 201 -3.31 -35.51 26.75
N VAL C 202 -4.02 -36.34 26.01
CA VAL C 202 -5.37 -36.02 25.53
C VAL C 202 -6.29 -37.20 25.79
N PRO C 203 -7.58 -36.98 25.98
CA PRO C 203 -8.53 -38.08 26.06
C PRO C 203 -8.78 -38.66 24.69
N PRO C 204 -9.54 -39.75 24.59
CA PRO C 204 -9.89 -40.27 23.27
C PRO C 204 -10.70 -39.25 22.47
N ASP C 205 -10.70 -39.45 21.15
CA ASP C 205 -11.47 -38.62 20.23
C ASP C 205 -11.08 -37.16 20.33
N THR C 206 -9.81 -36.90 20.59
CA THR C 206 -9.26 -35.57 20.75
C THR C 206 -7.99 -35.45 19.89
N PRO C 207 -7.78 -34.30 19.24
CA PRO C 207 -6.57 -34.13 18.43
C PRO C 207 -5.32 -34.34 19.27
N THR C 208 -4.37 -35.08 18.71
CA THR C 208 -3.14 -35.43 19.41
C THR C 208 -1.98 -34.52 19.08
N GLU C 209 -2.11 -33.64 18.10
CA GLU C 209 -1.08 -32.68 17.75
C GLU C 209 -1.70 -31.29 17.78
N ALA C 210 -1.15 -30.42 18.61
CA ALA C 210 -1.61 -29.05 18.71
C ALA C 210 -0.47 -28.11 18.34
N ASN C 211 -0.71 -26.82 18.52
CA ASN C 211 0.27 -25.80 18.16
C ASN C 211 0.47 -24.86 19.33
N ILE C 212 1.71 -24.46 19.54
CA ILE C 212 2.06 -23.37 20.44
C ILE C 212 2.43 -22.17 19.58
N ILE C 213 1.83 -21.03 19.86
CA ILE C 213 2.16 -19.79 19.17
C ILE C 213 3.06 -18.98 20.07
N ALA C 214 4.27 -18.68 19.59
CA ALA C 214 5.20 -17.84 20.32
C ALA C 214 4.98 -16.39 19.96
N LEU C 215 4.96 -15.53 20.98
CA LEU C 215 4.74 -14.10 20.82
C LEU C 215 5.92 -13.38 21.45
N GLY C 216 6.85 -12.92 20.62
CA GLY C 216 8.03 -12.23 21.12
C GLY C 216 7.80 -10.74 21.23
N ALA C 217 8.37 -10.15 22.28
CA ALA C 217 8.29 -8.71 22.49
C ALA C 217 9.48 -8.29 23.33
N ALA C 218 9.50 -7.03 23.71
CA ALA C 218 10.57 -6.47 24.51
C ALA C 218 10.03 -6.07 25.88
N GLN C 219 10.87 -6.22 26.90
CA GLN C 219 10.48 -5.85 28.24
C GLN C 219 10.54 -4.33 28.40
N LYS C 220 10.17 -3.85 29.58
CA LYS C 220 10.13 -2.41 29.80
C LYS C 220 11.51 -1.77 29.82
N ASN C 221 12.55 -2.53 30.12
CA ASN C 221 13.91 -2.01 30.16
C ASN C 221 14.61 -2.12 28.81
N PHE C 222 13.86 -2.37 27.74
CA PHE C 222 14.44 -2.50 26.42
C PHE C 222 14.87 -1.14 25.90
N THR C 223 15.98 -1.13 25.15
CA THR C 223 16.57 0.11 24.66
C THR C 223 17.31 -0.18 23.37
N LEU C 224 17.22 0.75 22.43
CA LEU C 224 17.91 0.67 21.17
C LEU C 224 18.90 1.82 21.05
N LYS C 225 19.90 1.64 20.18
CA LYS C 225 20.93 2.65 20.05
C LYS C 225 21.49 2.63 18.63
N LEU C 226 21.97 3.80 18.19
CA LEU C 226 22.69 3.97 16.93
C LEU C 226 21.84 3.55 15.72
N CYS C 227 20.81 4.37 15.48
CA CYS C 227 19.95 4.19 14.32
C CYS C 227 20.75 3.96 13.05
N LYS C 228 20.40 2.91 12.32
CA LYS C 228 21.06 2.58 11.07
C LYS C 228 19.98 2.24 10.05
N ASP C 229 20.41 1.77 8.88
CA ASP C 229 19.48 1.35 7.84
C ASP C 229 19.33 -0.15 7.87
N THR C 230 18.09 -0.62 7.89
CA THR C 230 17.82 -2.05 7.93
C THR C 230 18.25 -2.72 6.63
N ASP C 231 18.40 -4.03 6.70
CA ASP C 231 18.79 -4.85 5.56
C ASP C 231 17.67 -5.83 5.21
N GLU C 232 16.42 -5.38 5.30
CA GLU C 232 15.29 -6.26 5.12
C GLU C 232 14.70 -6.22 3.72
N ILE C 233 14.63 -5.05 3.10
CA ILE C 233 14.15 -4.93 1.73
C ILE C 233 15.22 -4.23 0.91
N GLN C 234 15.49 -4.77 -0.27
CA GLN C 234 16.47 -4.19 -1.18
C GLN C 234 15.76 -3.68 -2.41
N GLN C 235 16.37 -2.71 -3.07
CA GLN C 235 15.78 -2.04 -4.22
C GLN C 235 16.82 -1.93 -5.32
N THR C 236 16.44 -2.33 -6.52
CA THR C 236 17.32 -2.25 -7.68
C THR C 236 16.90 -1.17 -8.67
N ALA C 237 15.73 -0.58 -8.49
CA ALA C 237 15.24 0.44 -9.41
C ALA C 237 14.18 1.27 -8.69
N GLU C 238 14.14 2.56 -9.00
CA GLU C 238 13.14 3.44 -8.43
C GLU C 238 11.74 2.92 -8.75
N TYR C 239 10.91 2.83 -7.72
CA TYR C 239 9.54 2.35 -7.88
C TYR C 239 8.75 3.34 -8.71
N GLN C 240 8.33 2.91 -9.90
CA GLN C 240 7.57 3.79 -10.78
C GLN C 240 6.10 3.36 -10.81
N ILE D 25 27.69 25.87 27.86
CA ILE D 25 26.94 27.00 27.30
C ILE D 25 26.38 26.62 25.94
N ASN D 26 25.07 26.36 25.89
CA ASN D 26 24.41 25.89 24.68
C ASN D 26 23.71 27.05 23.98
N PHE D 27 23.93 27.15 22.67
CA PHE D 27 23.31 28.18 21.83
C PHE D 27 22.74 27.47 20.61
N THR D 28 21.53 26.92 20.77
CA THR D 28 20.90 26.14 19.72
C THR D 28 19.39 26.23 19.88
N ASN D 29 18.68 25.48 19.05
CA ASN D 29 17.21 25.50 19.02
C ASN D 29 16.70 26.92 18.82
N ILE D 30 17.36 27.65 17.93
CA ILE D 30 17.03 29.04 17.65
C ILE D 30 16.45 29.13 16.26
N ASN D 31 15.26 29.70 16.15
CA ASN D 31 14.59 29.91 14.88
C ASN D 31 14.98 31.28 14.33
N TYR D 32 15.52 31.30 13.13
CA TYR D 32 15.92 32.55 12.48
C TYR D 32 14.88 33.08 11.52
N TYR D 33 13.74 32.42 11.40
CA TYR D 33 12.73 32.79 10.42
C TYR D 33 11.39 32.97 11.11
N LYS D 34 10.56 33.83 10.55
CA LYS D 34 9.29 34.14 11.19
C LYS D 34 8.32 32.98 11.15
N ASP D 35 8.55 31.99 10.30
CA ASP D 35 7.70 30.82 10.21
C ASP D 35 8.20 29.75 11.17
N SER D 36 7.32 29.26 12.03
CA SER D 36 7.72 28.35 13.09
C SER D 36 8.15 26.98 12.55
N TYR D 37 7.74 26.62 11.34
CA TYR D 37 8.12 25.33 10.82
C TYR D 37 9.51 25.32 10.22
N ALA D 38 10.18 26.46 10.16
CA ALA D 38 11.58 26.50 9.76
C ALA D 38 12.51 26.10 10.89
N ALA D 39 11.99 25.89 12.09
CA ALA D 39 12.82 25.56 13.23
C ALA D 39 13.38 24.14 13.08
N SER D 40 14.33 23.82 13.96
CA SER D 40 14.94 22.51 13.94
C SER D 40 13.96 21.47 14.50
N ALA D 41 14.41 20.22 14.55
CA ALA D 41 13.56 19.14 14.99
C ALA D 41 13.18 19.30 16.45
N SER D 42 11.97 18.87 16.79
CA SER D 42 11.47 18.94 18.16
C SER D 42 11.97 17.70 18.90
N ARG D 43 13.17 17.81 19.46
CA ARG D 43 13.87 16.68 20.06
C ARG D 43 14.00 16.83 21.57
N GLN D 44 12.97 17.35 22.23
CA GLN D 44 13.04 17.52 23.67
C GLN D 44 11.75 17.10 24.37
N ASP D 45 10.96 16.24 23.75
CA ASP D 45 9.66 15.85 24.28
C ASP D 45 9.48 14.34 24.17
N PHE D 46 10.50 13.59 24.59
CA PHE D 46 10.42 12.13 24.57
C PHE D 46 9.34 11.68 25.55
N ALA D 47 8.25 11.12 25.02
CA ALA D 47 7.18 10.58 25.83
C ALA D 47 6.95 9.12 25.44
N GLN D 48 6.81 8.25 26.43
CA GLN D 48 6.62 6.82 26.21
C GLN D 48 5.33 6.40 26.89
N ASP D 49 4.30 6.13 26.08
CA ASP D 49 3.00 5.66 26.57
C ASP D 49 2.65 4.39 25.82
N PRO D 50 3.25 3.26 26.18
CA PRO D 50 3.00 2.02 25.45
C PRO D 50 1.70 1.32 25.80
N ALA D 51 0.99 1.80 26.82
CA ALA D 51 -0.19 1.08 27.29
C ALA D 51 -1.28 1.04 26.23
N LYS D 52 -1.32 2.03 25.35
CA LYS D 52 -2.34 2.04 24.31
C LYS D 52 -2.11 0.97 23.26
N PHE D 53 -0.91 0.40 23.21
CA PHE D 53 -0.61 -0.71 22.31
C PHE D 53 -0.38 -2.01 23.04
N THR D 54 0.13 -1.97 24.27
CA THR D 54 0.48 -3.19 24.99
C THR D 54 -0.67 -3.70 25.85
N ARG D 55 -1.44 -2.82 26.47
CA ARG D 55 -2.58 -3.19 27.29
C ARG D 55 -3.82 -2.42 26.86
N PRO D 56 -4.31 -2.64 25.63
CA PRO D 56 -5.47 -1.90 25.13
C PRO D 56 -6.79 -2.55 25.52
N VAL D 57 -6.95 -2.89 26.80
CA VAL D 57 -8.09 -3.65 27.26
C VAL D 57 -8.89 -2.81 28.24
N LEU D 58 -10.16 -3.19 28.41
CA LEU D 58 -11.04 -2.50 29.34
C LEU D 58 -10.76 -2.91 30.78
N ASP D 59 -10.69 -4.20 31.03
CA ASP D 59 -10.43 -4.72 32.37
C ASP D 59 -8.93 -4.75 32.61
N ALA D 60 -8.44 -3.86 33.46
CA ALA D 60 -7.03 -3.86 33.82
C ALA D 60 -6.70 -5.12 34.60
N ILE D 61 -5.78 -5.91 34.10
CA ILE D 61 -5.42 -7.19 34.70
C ILE D 61 -4.13 -7.01 35.49
N ARG D 62 -4.18 -7.29 36.79
CA ARG D 62 -2.99 -7.26 37.60
C ARG D 62 -2.00 -8.32 37.13
N GLU D 63 -0.71 -8.04 37.33
CA GLU D 63 0.32 -8.96 36.90
C GLU D 63 0.24 -10.27 37.67
N ALA D 64 0.07 -10.18 38.99
CA ALA D 64 0.03 -11.36 39.83
C ALA D 64 -1.24 -12.17 39.67
N ALA D 65 -2.25 -11.65 38.98
CA ALA D 65 -3.54 -12.30 38.89
C ALA D 65 -3.64 -13.16 37.63
N ALA D 66 -4.40 -14.24 37.74
CA ALA D 66 -4.74 -15.02 36.56
C ALA D 66 -5.68 -14.20 35.70
N PRO D 67 -5.36 -13.95 34.44
CA PRO D 67 -6.16 -13.00 33.66
C PRO D 67 -7.62 -13.38 33.50
N LEU D 68 -7.90 -14.63 33.14
CA LEU D 68 -9.26 -15.08 32.87
C LEU D 68 -9.73 -15.94 34.04
N GLN D 69 -10.28 -15.29 35.05
CA GLN D 69 -10.78 -16.00 36.22
C GLN D 69 -12.30 -15.89 36.28
N PRO E 1 -2.19 3.88 -43.85
CA PRO E 1 -2.65 3.62 -42.47
C PRO E 1 -2.44 2.17 -42.08
N GLU E 2 -1.64 1.94 -41.03
CA GLU E 2 -1.34 0.59 -40.59
C GLU E 2 -2.18 0.15 -39.40
N CYS E 3 -2.54 1.07 -38.50
CA CYS E 3 -3.37 0.76 -37.35
C CYS E 3 -4.74 1.38 -37.55
N PHE E 4 -5.78 0.62 -37.25
CA PHE E 4 -7.14 1.12 -37.31
C PHE E 4 -7.83 1.08 -35.95
N THR E 5 -7.10 0.79 -34.89
CA THR E 5 -7.62 0.83 -33.53
C THR E 5 -6.96 1.97 -32.76
N ALA E 6 -7.61 2.35 -31.66
CA ALA E 6 -7.12 3.48 -30.89
C ALA E 6 -5.81 3.15 -30.18
N ASN E 7 -5.67 1.91 -29.71
CA ASN E 7 -4.52 1.52 -28.91
C ASN E 7 -3.38 0.94 -29.73
N GLY E 8 -3.58 0.73 -31.02
CA GLY E 8 -2.57 0.07 -31.81
C GLY E 8 -2.57 -1.44 -31.69
N ALA E 9 -3.61 -2.03 -31.11
CA ALA E 9 -3.67 -3.48 -31.03
C ALA E 9 -4.21 -4.05 -32.34
N ASP E 10 -3.66 -3.57 -33.44
CA ASP E 10 -3.86 -4.12 -34.76
C ASP E 10 -2.60 -4.04 -35.59
N TYR E 11 -1.48 -3.58 -35.01
CA TYR E 11 -0.29 -3.25 -35.76
C TYR E 11 0.53 -4.49 -36.03
N ARG E 12 0.73 -4.81 -37.31
CA ARG E 12 1.73 -5.77 -37.75
C ARG E 12 2.49 -5.08 -38.86
N GLY E 13 3.49 -4.27 -38.50
CA GLY E 13 4.01 -3.32 -39.45
C GLY E 13 5.52 -3.15 -39.52
N THR E 14 6.26 -4.07 -38.93
CA THR E 14 7.71 -4.16 -39.15
C THR E 14 8.42 -2.87 -38.74
N GLN E 15 8.36 -2.56 -37.45
CA GLN E 15 9.14 -1.48 -36.88
C GLN E 15 9.80 -1.98 -35.60
N ASN E 16 11.08 -2.30 -35.67
CA ASN E 16 11.84 -2.72 -34.50
C ASN E 16 12.67 -1.57 -33.95
N TRP E 17 11.98 -0.50 -33.54
CA TRP E 17 12.64 0.67 -32.99
C TRP E 17 11.62 1.45 -32.17
N THR E 18 12.04 1.90 -31.00
CA THR E 18 11.17 2.73 -30.17
C THR E 18 10.75 4.00 -30.91
N ALA E 19 11.69 4.59 -31.65
CA ALA E 19 11.40 5.75 -32.47
C ALA E 19 12.17 5.63 -33.78
N LEU E 20 11.57 6.14 -34.85
CA LEU E 20 12.21 6.07 -36.16
C LEU E 20 13.56 6.77 -36.19
N GLN E 21 13.81 7.68 -35.26
CA GLN E 21 15.07 8.39 -35.19
C GLN E 21 15.34 8.74 -33.74
N GLY E 22 16.46 8.27 -33.21
CA GLY E 22 16.82 8.55 -31.84
C GLY E 22 16.01 7.77 -30.85
N GLY E 23 16.12 6.44 -30.90
CA GLY E 23 15.41 5.59 -29.98
C GLY E 23 16.20 4.36 -29.62
N LYS E 24 15.53 3.30 -29.19
CA LYS E 24 16.19 2.08 -28.79
C LYS E 24 15.64 0.90 -29.59
N PRO E 25 16.47 -0.10 -29.87
CA PRO E 25 15.96 -1.28 -30.56
C PRO E 25 15.07 -2.11 -29.66
N CYS E 26 14.29 -2.99 -30.28
CA CYS E 26 13.35 -3.82 -29.57
C CYS E 26 13.91 -5.23 -29.41
N LEU E 27 13.63 -5.83 -28.26
CA LEU E 27 14.03 -7.21 -28.02
C LEU E 27 13.05 -8.16 -28.67
N PHE E 28 13.57 -9.23 -29.23
CA PHE E 28 12.72 -10.19 -29.94
C PHE E 28 11.74 -10.85 -28.99
N TRP E 29 10.55 -11.14 -29.50
CA TRP E 29 9.53 -11.78 -28.66
C TRP E 29 9.84 -13.24 -28.42
N ASN E 30 10.51 -13.90 -29.35
CA ASN E 30 10.95 -15.27 -29.15
C ASN E 30 12.21 -15.36 -28.30
N GLU E 31 12.62 -14.25 -27.70
CA GLU E 31 13.79 -14.22 -26.84
C GLU E 31 13.57 -13.47 -25.54
N THR E 32 12.38 -12.90 -25.33
CA THR E 32 12.08 -12.16 -24.11
C THR E 32 11.31 -13.04 -23.13
N PHE E 33 11.98 -14.09 -22.65
CA PHE E 33 11.37 -14.99 -21.68
C PHE E 33 11.46 -14.46 -20.26
N GLN E 34 12.31 -13.46 -20.02
CA GLN E 34 12.37 -12.83 -18.71
C GLN E 34 11.12 -12.00 -18.40
N HIS E 35 10.22 -11.85 -19.37
CA HIS E 35 9.10 -10.93 -19.30
C HIS E 35 7.80 -11.67 -19.57
N PRO E 36 6.66 -11.07 -19.20
CA PRO E 36 5.39 -11.79 -19.36
C PRO E 36 5.03 -12.11 -20.79
N TYR E 37 5.33 -11.22 -21.74
CA TYR E 37 4.88 -11.37 -23.11
C TYR E 37 6.02 -11.88 -23.97
N ASN E 38 5.88 -13.10 -24.48
CA ASN E 38 6.86 -13.75 -25.32
C ASN E 38 6.13 -14.75 -26.21
N THR E 39 6.89 -15.50 -26.98
CA THR E 39 6.30 -16.51 -27.86
C THR E 39 6.03 -17.82 -27.15
N LEU E 40 6.53 -17.99 -25.93
CA LEU E 40 6.28 -19.21 -25.16
C LEU E 40 4.94 -19.14 -24.44
N LYS E 41 4.66 -18.03 -23.77
CA LYS E 41 3.35 -17.85 -23.15
C LYS E 41 2.27 -17.54 -24.18
N TYR E 42 2.65 -17.23 -25.41
CA TYR E 42 1.72 -16.97 -26.50
C TYR E 42 2.22 -17.72 -27.72
N PRO E 43 1.90 -19.01 -27.82
CA PRO E 43 2.49 -19.84 -28.88
C PRO E 43 2.10 -19.42 -30.29
N ASN E 44 0.81 -19.35 -30.57
CA ASN E 44 0.32 -19.14 -31.94
C ASN E 44 -0.17 -17.70 -32.06
N GLY E 45 0.65 -16.85 -32.67
CA GLY E 45 0.26 -15.47 -32.87
C GLY E 45 -0.03 -14.77 -31.56
N GLU E 46 -1.32 -14.56 -31.28
CA GLU E 46 -1.79 -14.04 -30.00
C GLU E 46 -1.17 -12.66 -29.72
N GLY E 47 -1.57 -11.72 -30.56
CA GLY E 47 -1.14 -10.35 -30.44
C GLY E 47 -0.10 -9.90 -31.42
N GLY E 48 -0.03 -10.52 -32.59
CA GLY E 48 1.02 -10.20 -33.52
C GLY E 48 2.41 -10.56 -33.05
N LEU E 49 2.51 -11.28 -31.95
CA LEU E 49 3.80 -11.69 -31.43
C LEU E 49 4.32 -12.88 -32.21
N GLY E 50 5.64 -12.97 -32.32
CA GLY E 50 6.27 -14.06 -33.04
C GLY E 50 7.78 -13.98 -32.96
N GLU E 51 8.45 -14.38 -34.04
CA GLU E 51 9.90 -14.37 -34.07
C GLU E 51 10.39 -13.09 -34.75
N HIS E 52 10.19 -11.98 -34.03
CA HIS E 52 10.51 -10.67 -34.58
C HIS E 52 10.66 -9.68 -33.44
N ASN E 53 11.39 -8.60 -33.72
CA ASN E 53 11.52 -7.49 -32.79
C ASN E 53 10.54 -6.37 -33.09
N TYR E 54 9.43 -6.67 -33.73
CA TYR E 54 8.51 -5.64 -34.16
C TYR E 54 7.65 -5.17 -32.99
N CYS E 55 7.31 -3.88 -33.02
CA CYS E 55 6.47 -3.31 -31.98
C CYS E 55 5.08 -3.91 -32.05
N ARG E 56 4.54 -4.30 -30.89
CA ARG E 56 3.22 -4.87 -30.80
C ARG E 56 2.54 -4.34 -29.54
N ASN E 57 1.23 -4.59 -29.45
CA ASN E 57 0.44 -4.21 -28.29
C ASN E 57 -0.39 -5.40 -27.88
N PRO E 58 0.23 -6.42 -27.28
CA PRO E 58 -0.53 -7.62 -26.90
C PRO E 58 -1.28 -7.47 -25.59
N ASP E 59 -0.87 -6.54 -24.72
CA ASP E 59 -1.47 -6.41 -23.42
C ASP E 59 -2.61 -5.41 -23.39
N GLY E 60 -2.99 -4.84 -24.52
CA GLY E 60 -4.01 -3.84 -24.54
C GLY E 60 -3.58 -2.57 -23.84
N ASP E 61 -2.36 -2.12 -24.12
CA ASP E 61 -1.88 -0.86 -23.60
C ASP E 61 -2.35 0.27 -24.52
N VAL E 62 -1.94 1.49 -24.20
CA VAL E 62 -2.42 2.65 -24.94
C VAL E 62 -1.76 2.81 -26.30
N SER E 63 -0.61 2.18 -26.51
CA SER E 63 0.13 2.35 -27.75
C SER E 63 0.99 1.12 -27.97
N PRO E 64 1.32 0.78 -29.21
CA PRO E 64 2.24 -0.34 -29.44
C PRO E 64 3.57 -0.10 -28.76
N TRP E 65 4.01 -1.09 -28.00
CA TRP E 65 5.25 -1.03 -27.25
C TRP E 65 6.15 -2.18 -27.69
N CYS E 66 7.30 -2.27 -27.03
CA CYS E 66 8.21 -3.38 -27.27
C CYS E 66 9.22 -3.42 -26.13
N TYR E 67 9.73 -4.62 -25.87
CA TYR E 67 10.74 -4.79 -24.83
C TYR E 67 12.08 -4.27 -25.32
N VAL E 68 12.70 -3.43 -24.51
CA VAL E 68 14.02 -2.89 -24.80
C VAL E 68 15.01 -3.50 -23.83
N ALA E 69 16.28 -3.46 -24.21
CA ALA E 69 17.34 -3.95 -23.33
C ALA E 69 17.37 -3.14 -22.05
N GLU E 70 17.24 -3.83 -20.92
CA GLU E 70 17.11 -3.18 -19.62
C GLU E 70 18.48 -2.72 -19.15
N HIS E 71 18.77 -1.45 -19.35
CA HIS E 71 20.06 -0.94 -18.89
C HIS E 71 19.97 0.33 -18.06
N GLU E 72 19.08 1.26 -18.41
CA GLU E 72 19.17 2.61 -17.86
C GLU E 72 18.99 2.65 -16.35
N ASP E 73 17.78 2.42 -15.88
CA ASP E 73 17.52 2.25 -14.45
C ASP E 73 16.45 1.20 -14.22
N GLY E 74 16.44 0.16 -15.05
CA GLY E 74 15.40 -0.86 -14.99
C GLY E 74 14.32 -0.70 -16.03
N VAL E 75 14.40 0.32 -16.89
CA VAL E 75 13.41 0.52 -17.94
C VAL E 75 13.59 -0.62 -18.95
N TYR E 76 12.66 -1.56 -18.95
CA TYR E 76 12.76 -2.75 -19.78
C TYR E 76 11.74 -2.76 -20.91
N TRP E 77 11.06 -1.65 -21.15
CA TRP E 77 10.11 -1.57 -22.24
C TRP E 77 9.87 -0.10 -22.53
N LYS E 78 9.42 0.18 -23.76
CA LYS E 78 9.17 1.54 -24.19
C LYS E 78 8.10 1.53 -25.25
N TYR E 79 7.23 2.55 -25.21
CA TYR E 79 6.25 2.73 -26.26
C TYR E 79 6.95 3.04 -27.57
N CYS E 80 6.39 2.54 -28.66
CA CYS E 80 6.94 2.78 -29.99
C CYS E 80 6.24 3.96 -30.64
N GLU E 81 7.03 4.93 -31.10
CA GLU E 81 6.47 6.08 -31.82
C GLU E 81 6.34 5.69 -33.29
N ILE E 82 5.29 4.92 -33.58
CA ILE E 82 5.01 4.46 -34.93
C ILE E 82 4.17 5.54 -35.62
N PRO E 83 4.72 6.29 -36.57
CA PRO E 83 3.95 7.36 -37.20
C PRO E 83 2.84 6.86 -38.09
N ALA E 84 2.89 5.62 -38.54
CA ALA E 84 1.85 5.04 -39.38
C ALA E 84 0.80 4.31 -38.58
N CYS E 85 0.92 4.29 -37.26
CA CYS E 85 -0.07 3.64 -36.40
C CYS E 85 -1.16 4.59 -35.96
N GLN E 86 -1.18 5.80 -36.49
CA GLN E 86 -2.23 6.74 -36.12
C GLN E 86 -3.57 6.27 -36.67
N MET E 87 -4.57 6.25 -35.81
CA MET E 87 -5.91 5.90 -36.24
C MET E 87 -6.34 6.84 -37.37
N PRO E 88 -7.00 6.33 -38.40
CA PRO E 88 -7.45 7.20 -39.50
C PRO E 88 -8.25 8.40 -39.06
N GLY E 89 -8.92 8.35 -37.91
CA GLY E 89 -9.59 9.51 -37.37
C GLY E 89 -8.80 10.28 -36.34
N ASN E 90 -7.60 9.82 -35.99
CA ASN E 90 -6.77 10.44 -34.97
C ASN E 90 -5.94 11.53 -35.64
N LEU E 91 -6.22 12.79 -35.30
CA LEU E 91 -5.56 13.90 -35.96
C LEU E 91 -4.17 14.18 -35.42
N GLY E 92 -3.82 13.64 -34.25
CA GLY E 92 -2.49 13.72 -33.74
C GLY E 92 -2.46 14.14 -32.28
N CYS E 93 -1.26 14.21 -31.75
CA CYS E 93 -1.01 14.66 -30.38
C CYS E 93 -0.39 16.05 -30.46
N TYR E 94 -1.03 17.02 -29.81
CA TYR E 94 -0.60 18.40 -29.89
C TYR E 94 -0.42 18.97 -28.51
N LYS E 95 0.34 20.06 -28.43
CA LYS E 95 0.67 20.66 -27.16
C LYS E 95 -0.42 21.65 -26.73
N ASP E 96 -0.63 21.71 -25.42
CA ASP E 96 -1.58 22.63 -24.81
C ASP E 96 -0.82 23.47 -23.80
N HIS E 97 -0.52 24.72 -24.16
CA HIS E 97 0.30 25.57 -23.33
C HIS E 97 -0.51 26.45 -22.38
N GLY E 98 -1.65 26.96 -22.82
CA GLY E 98 -2.39 27.85 -21.96
C GLY E 98 -3.82 28.17 -22.34
N ASN E 99 -4.26 29.37 -21.96
CA ASN E 99 -5.67 29.74 -21.92
C ASN E 99 -6.28 30.00 -23.30
N PRO E 100 -5.56 30.45 -24.30
CA PRO E 100 -6.02 30.26 -25.67
C PRO E 100 -5.84 28.81 -26.04
N PRO E 101 -6.91 28.02 -26.00
CA PRO E 101 -6.76 26.57 -26.00
C PRO E 101 -6.67 26.03 -27.42
N PRO E 102 -6.14 24.83 -27.60
CA PRO E 102 -6.13 24.24 -28.95
C PRO E 102 -7.51 24.18 -29.57
N LEU E 103 -8.48 23.67 -28.83
CA LEU E 103 -9.87 23.63 -29.28
C LEU E 103 -10.66 24.65 -28.48
N THR E 104 -10.94 25.79 -29.08
CA THR E 104 -11.78 26.80 -28.45
C THR E 104 -13.23 26.38 -28.59
N GLY E 105 -13.87 26.06 -27.48
CA GLY E 105 -15.22 25.56 -27.51
C GLY E 105 -15.71 25.16 -26.14
N THR E 106 -16.31 24.00 -26.03
CA THR E 106 -16.80 23.51 -24.75
C THR E 106 -15.82 22.49 -24.17
N SER E 107 -15.87 22.34 -22.85
CA SER E 107 -15.00 21.42 -22.15
C SER E 107 -15.83 20.49 -21.28
N LYS E 108 -15.21 19.42 -20.82
CA LYS E 108 -15.90 18.45 -19.98
C LYS E 108 -14.85 17.59 -19.27
N THR E 109 -14.92 17.55 -17.95
CA THR E 109 -14.10 16.64 -17.16
C THR E 109 -14.98 15.48 -16.72
N SER E 110 -14.57 14.27 -17.06
CA SER E 110 -15.32 13.06 -16.75
C SER E 110 -14.38 12.01 -16.20
N ASN E 111 -14.68 11.51 -15.00
CA ASN E 111 -13.91 10.39 -14.48
C ASN E 111 -14.20 9.09 -15.20
N LYS E 112 -15.13 9.10 -16.15
CA LYS E 112 -15.40 7.96 -17.00
C LYS E 112 -15.07 8.24 -18.45
N LEU E 113 -14.20 9.22 -18.70
CA LEU E 113 -13.94 9.68 -20.05
C LEU E 113 -13.26 8.59 -20.87
N THR E 114 -13.79 8.34 -22.05
CA THR E 114 -13.13 7.55 -23.07
C THR E 114 -12.92 8.41 -24.30
N ILE E 115 -12.32 7.84 -25.33
CA ILE E 115 -12.17 8.57 -26.58
C ILE E 115 -13.53 8.86 -27.18
N GLN E 116 -14.45 7.92 -27.09
CA GLN E 116 -15.77 8.10 -27.69
C GLN E 116 -16.66 9.01 -26.85
N THR E 117 -16.60 8.89 -25.53
CA THR E 117 -17.40 9.77 -24.69
C THR E 117 -17.01 11.23 -24.90
N CYS E 118 -15.77 11.48 -25.29
CA CYS E 118 -15.36 12.84 -25.64
C CYS E 118 -15.85 13.20 -27.04
N ILE E 119 -15.73 12.28 -27.98
CA ILE E 119 -16.20 12.54 -29.34
C ILE E 119 -17.71 12.70 -29.35
N SER E 120 -18.41 11.82 -28.65
CA SER E 120 -19.87 11.92 -28.58
C SER E 120 -20.30 13.21 -27.90
N PHE E 121 -19.53 13.67 -26.92
CA PHE E 121 -19.84 14.95 -26.28
C PHE E 121 -19.67 16.11 -27.24
N CYS E 122 -18.64 16.05 -28.08
CA CYS E 122 -18.41 17.13 -29.04
C CYS E 122 -19.32 17.04 -30.25
N ARG E 123 -19.65 15.82 -30.68
CA ARG E 123 -20.51 15.66 -31.83
C ARG E 123 -21.94 16.11 -31.51
N SER E 124 -22.38 15.93 -30.28
CA SER E 124 -23.71 16.38 -29.88
C SER E 124 -23.84 17.89 -29.91
N GLN E 125 -22.74 18.62 -30.02
CA GLN E 125 -22.75 20.07 -30.13
C GLN E 125 -22.22 20.55 -31.47
N ARG E 126 -22.23 19.68 -32.47
CA ARG E 126 -21.85 20.05 -33.83
C ARG E 126 -20.43 20.59 -33.89
N PHE E 127 -19.53 19.97 -33.15
CA PHE E 127 -18.12 20.32 -33.17
C PHE E 127 -17.37 19.33 -34.04
N LYS E 128 -16.40 19.85 -34.80
CA LYS E 128 -15.66 19.00 -35.73
C LYS E 128 -14.61 18.16 -35.02
N PHE E 129 -14.01 18.69 -33.96
CA PHE E 129 -12.86 18.07 -33.33
C PHE E 129 -13.13 17.80 -31.85
N ALA E 130 -12.56 16.70 -31.37
CA ALA E 130 -12.67 16.31 -29.97
C ALA E 130 -11.27 16.07 -29.44
N GLY E 131 -10.93 16.75 -28.35
CA GLY E 131 -9.59 16.63 -27.81
C GLY E 131 -9.56 16.14 -26.38
N MET E 132 -9.01 14.95 -26.17
CA MET E 132 -8.85 14.41 -24.83
C MET E 132 -7.50 14.82 -24.26
N GLU E 133 -7.48 15.05 -22.95
CA GLU E 133 -6.28 15.53 -22.29
C GLU E 133 -6.28 15.09 -20.84
N SER E 134 -5.11 14.67 -20.36
CA SER E 134 -4.88 14.31 -18.96
C SER E 134 -5.72 13.12 -18.52
N GLY E 135 -6.30 12.39 -19.46
CA GLY E 135 -7.10 11.22 -19.14
C GLY E 135 -8.51 11.52 -18.70
N TYR E 136 -8.81 12.74 -18.28
CA TYR E 136 -10.15 13.09 -17.82
C TYR E 136 -10.76 14.30 -18.51
N ALA E 137 -9.97 15.13 -19.18
CA ALA E 137 -10.48 16.35 -19.77
C ALA E 137 -10.84 16.13 -21.23
N CYS E 138 -11.98 16.68 -21.63
CA CYS E 138 -12.46 16.60 -23.00
C CYS E 138 -12.70 18.00 -23.51
N PHE E 139 -12.12 18.32 -24.66
CA PHE E 139 -12.26 19.64 -25.25
C PHE E 139 -12.82 19.51 -26.65
N CYS E 140 -13.72 20.43 -27.00
CA CYS E 140 -14.34 20.45 -28.31
C CYS E 140 -14.04 21.77 -28.98
N GLY E 141 -14.14 21.78 -30.30
CA GLY E 141 -13.92 23.00 -31.04
C GLY E 141 -13.95 22.74 -32.53
N ASN E 142 -14.19 23.82 -33.27
CA ASN E 142 -14.08 23.82 -34.72
C ASN E 142 -12.80 24.47 -35.20
N ASN E 143 -11.89 24.76 -34.30
CA ASN E 143 -10.66 25.46 -34.63
C ASN E 143 -9.84 24.66 -35.64
N PRO E 144 -9.62 25.17 -36.84
CA PRO E 144 -8.69 24.49 -37.76
C PRO E 144 -7.25 24.61 -37.34
N ASP E 145 -6.95 25.34 -36.26
CA ASP E 145 -5.59 25.58 -35.84
C ASP E 145 -5.35 25.02 -34.45
N TYR E 146 -5.81 23.80 -34.20
CA TYR E 146 -5.52 23.12 -32.95
C TYR E 146 -4.03 22.83 -32.79
N TRP E 147 -3.24 23.00 -33.84
CA TRP E 147 -1.79 22.82 -33.79
C TRP E 147 -1.06 24.12 -33.46
N LYS E 148 -1.74 25.08 -32.86
CA LYS E 148 -1.14 26.39 -32.62
C LYS E 148 0.05 26.30 -31.66
N TYR E 149 0.18 25.21 -30.91
CA TYR E 149 1.30 25.01 -30.00
C TYR E 149 2.22 23.91 -30.47
N GLY E 150 2.13 23.53 -31.73
CA GLY E 150 3.03 22.53 -32.30
C GLY E 150 2.56 21.12 -32.03
N GLU E 151 2.95 20.22 -32.93
CA GLU E 151 2.65 18.82 -32.75
C GLU E 151 3.53 18.22 -31.66
N ALA E 152 3.20 17.00 -31.26
CA ALA E 152 3.94 16.31 -30.23
C ALA E 152 4.02 14.83 -30.60
N ALA E 153 4.94 14.14 -29.94
CA ALA E 153 5.07 12.70 -30.15
C ALA E 153 3.79 11.99 -29.72
N SER E 154 3.41 10.96 -30.46
CA SER E 154 2.25 10.17 -30.09
C SER E 154 2.41 9.58 -28.70
N THR E 155 3.65 9.27 -28.30
CA THR E 155 3.90 8.73 -26.97
C THR E 155 3.68 9.75 -25.88
N GLU E 156 3.69 11.04 -26.22
CA GLU E 156 3.40 12.07 -25.23
C GLU E 156 1.93 12.16 -24.89
N CYS E 157 1.06 11.49 -25.64
CA CYS E 157 -0.37 11.45 -25.38
C CYS E 157 -0.82 10.07 -24.88
N ASN E 158 0.04 9.38 -24.15
CA ASN E 158 -0.21 8.01 -23.75
C ASN E 158 -0.75 7.89 -22.33
N SER E 159 -1.52 8.85 -21.87
CA SER E 159 -2.20 8.73 -20.59
C SER E 159 -3.50 7.96 -20.79
N VAL E 160 -3.74 6.99 -19.92
CA VAL E 160 -4.92 6.16 -20.05
C VAL E 160 -6.17 7.00 -19.86
N CYS E 161 -7.20 6.68 -20.63
CA CYS E 161 -8.49 7.30 -20.41
C CYS E 161 -9.10 6.77 -19.11
N PHE E 162 -9.69 7.65 -18.32
CA PHE E 162 -10.20 7.26 -17.02
C PHE E 162 -11.35 6.26 -17.12
N GLY E 163 -11.99 6.15 -18.28
CA GLY E 163 -13.09 5.24 -18.43
C GLY E 163 -12.70 3.97 -19.15
N ASP E 164 -11.62 4.03 -19.91
CA ASP E 164 -11.09 2.86 -20.60
C ASP E 164 -9.58 3.00 -20.63
N HIS E 165 -8.90 2.22 -19.77
CA HIS E 165 -7.46 2.33 -19.64
C HIS E 165 -6.71 1.71 -20.81
N THR E 166 -7.39 1.26 -21.84
CA THR E 166 -6.73 0.77 -23.04
C THR E 166 -6.66 1.82 -24.13
N GLN E 167 -7.16 3.03 -23.89
CA GLN E 167 -7.19 4.07 -24.89
C GLN E 167 -6.34 5.25 -24.45
N PRO E 168 -5.64 5.89 -25.38
CA PRO E 168 -4.88 7.10 -25.02
C PRO E 168 -5.79 8.31 -24.92
N CYS E 169 -5.57 9.10 -23.89
CA CYS E 169 -6.35 10.32 -23.64
C CYS E 169 -5.42 11.47 -23.31
N GLY E 170 -4.36 11.65 -24.10
CA GLY E 170 -3.51 12.81 -23.97
C GLY E 170 -2.52 12.73 -22.84
N GLY E 171 -2.29 13.88 -22.19
CA GLY E 171 -1.35 13.91 -21.09
C GLY E 171 -1.26 15.31 -20.53
N ASP E 172 -0.32 15.50 -19.62
CA ASP E 172 -0.10 16.82 -19.03
C ASP E 172 0.33 17.80 -20.11
N GLY E 173 -0.54 18.76 -20.43
CA GLY E 173 -0.27 19.71 -21.47
C GLY E 173 -0.30 19.16 -22.87
N ARG E 174 -0.65 17.89 -23.05
CA ARG E 174 -0.75 17.28 -24.36
C ARG E 174 -2.19 16.89 -24.62
N ILE E 175 -2.67 17.20 -25.81
CA ILE E 175 -4.07 16.95 -26.19
C ILE E 175 -4.08 16.08 -27.42
N ILE E 176 -4.84 15.00 -27.38
CA ILE E 176 -5.01 14.10 -28.50
C ILE E 176 -6.34 14.43 -29.16
N LEU E 177 -6.29 14.77 -30.45
CA LEU E 177 -7.44 15.33 -31.14
C LEU E 177 -7.99 14.31 -32.13
N PHE E 178 -9.30 14.09 -32.09
CA PHE E 178 -9.99 13.19 -32.99
C PHE E 178 -11.02 13.96 -33.80
N ASP E 179 -11.27 13.50 -35.02
CA ASP E 179 -12.37 14.02 -35.81
C ASP E 179 -13.68 13.44 -35.29
N THR E 180 -14.64 14.30 -34.99
CA THR E 180 -15.84 13.85 -34.31
C THR E 180 -16.73 12.97 -35.17
N LEU E 181 -16.35 12.70 -36.42
CA LEU E 181 -17.10 11.74 -37.22
C LEU E 181 -16.86 10.31 -36.76
N VAL E 182 -15.80 10.06 -36.00
CA VAL E 182 -15.45 8.72 -35.59
C VAL E 182 -16.52 8.18 -34.65
N GLY E 183 -17.06 7.01 -34.98
CA GLY E 183 -18.05 6.39 -34.13
C GLY E 183 -19.41 7.02 -34.19
N ALA E 184 -19.71 7.76 -35.24
CA ALA E 184 -21.02 8.40 -35.35
C ALA E 184 -22.07 7.35 -35.72
N CYS E 185 -23.30 7.60 -35.29
CA CYS E 185 -24.42 6.74 -35.62
C CYS E 185 -24.99 7.11 -36.99
N GLY E 186 -24.15 7.01 -37.98
CA GLY E 186 -24.48 7.40 -39.33
C GLY E 186 -23.72 8.64 -39.75
N GLY E 187 -24.15 9.20 -40.87
CA GLY E 187 -23.56 10.41 -41.41
C GLY E 187 -23.41 10.31 -42.90
N ASN E 188 -23.22 11.47 -43.54
CA ASN E 188 -23.02 11.55 -44.97
C ASN E 188 -21.53 11.61 -45.26
N TYR E 189 -21.07 10.72 -46.13
CA TYR E 189 -19.67 10.67 -46.54
C TYR E 189 -19.60 10.91 -48.04
N SER E 190 -19.25 12.13 -48.43
CA SER E 190 -19.02 12.48 -49.82
C SER E 190 -17.55 12.83 -49.94
N ALA E 191 -16.72 11.81 -50.14
CA ALA E 191 -15.28 12.02 -50.23
C ALA E 191 -14.67 10.82 -50.94
N MET E 192 -13.43 10.98 -51.38
CA MET E 192 -12.78 9.92 -52.13
C MET E 192 -12.49 8.71 -51.25
N SER E 193 -11.84 8.93 -50.11
CA SER E 193 -11.49 7.85 -49.21
C SER E 193 -11.72 8.29 -47.77
N SER E 194 -12.43 7.46 -47.01
CA SER E 194 -12.68 7.73 -45.61
C SER E 194 -12.89 6.41 -44.89
N VAL E 195 -12.47 6.37 -43.64
CA VAL E 195 -12.54 5.16 -42.83
C VAL E 195 -13.74 5.31 -41.90
N VAL E 196 -14.88 4.79 -42.34
CA VAL E 196 -16.09 4.83 -41.54
C VAL E 196 -16.00 3.73 -40.48
N TYR E 197 -16.34 4.07 -39.25
CA TYR E 197 -16.20 3.18 -38.12
C TYR E 197 -17.55 2.70 -37.62
N SER E 198 -17.51 1.73 -36.72
CA SER E 198 -18.71 1.28 -36.05
C SER E 198 -19.19 2.37 -35.10
N PRO E 199 -20.48 2.35 -34.76
CA PRO E 199 -20.98 3.33 -33.78
C PRO E 199 -20.22 3.23 -32.48
N ASP E 200 -19.74 4.37 -31.99
CA ASP E 200 -18.95 4.44 -30.76
C ASP E 200 -17.72 3.55 -30.87
N PHE E 201 -16.86 3.89 -31.83
CA PHE E 201 -15.87 2.91 -32.28
C PHE E 201 -14.80 2.59 -31.25
N PRO E 202 -14.08 3.56 -30.68
CA PRO E 202 -13.04 3.18 -29.71
C PRO E 202 -13.59 2.40 -28.55
N ASP E 203 -14.87 2.57 -28.23
CA ASP E 203 -15.56 1.73 -27.26
C ASP E 203 -16.30 0.62 -28.02
N THR E 204 -17.07 -0.17 -27.30
CA THR E 204 -17.86 -1.21 -27.93
C THR E 204 -19.20 -0.63 -28.36
N TYR E 205 -19.65 -1.03 -29.55
CA TYR E 205 -20.87 -0.45 -30.09
C TYR E 205 -22.05 -0.72 -29.17
N ALA E 206 -22.90 0.28 -29.00
CA ALA E 206 -23.98 0.19 -28.04
C ALA E 206 -25.03 -0.83 -28.49
N THR E 207 -25.87 -1.23 -27.55
CA THR E 207 -26.91 -2.21 -27.80
C THR E 207 -28.13 -1.51 -28.38
N GLY E 208 -28.43 -1.80 -29.64
CA GLY E 208 -29.58 -1.24 -30.30
C GLY E 208 -29.28 -0.22 -31.38
N ARG E 209 -28.07 -0.18 -31.89
CA ARG E 209 -27.71 0.81 -32.90
C ARG E 209 -28.26 0.39 -34.25
N VAL E 210 -29.03 1.27 -34.87
CA VAL E 210 -29.50 1.10 -36.24
C VAL E 210 -28.99 2.31 -37.01
N CYS E 211 -27.84 2.17 -37.65
CA CYS E 211 -27.12 3.32 -38.20
C CYS E 211 -26.98 3.19 -39.70
N TYR E 212 -26.95 4.33 -40.38
CA TYR E 212 -26.93 4.40 -41.84
C TYR E 212 -25.89 5.42 -42.26
N TRP E 213 -24.87 4.97 -42.98
CA TRP E 213 -23.83 5.84 -43.50
C TRP E 213 -24.02 5.99 -45.01
N THR E 214 -24.12 7.23 -45.47
CA THR E 214 -24.31 7.53 -46.88
C THR E 214 -22.95 7.83 -47.50
N ILE E 215 -22.50 6.93 -48.36
CA ILE E 215 -21.21 7.10 -49.05
C ILE E 215 -21.48 7.32 -50.54
N ARG E 216 -21.58 8.57 -50.95
CA ARG E 216 -21.85 8.92 -52.34
C ARG E 216 -20.74 9.83 -52.85
N VAL E 217 -19.84 9.26 -53.65
CA VAL E 217 -18.80 10.04 -54.31
C VAL E 217 -19.37 10.50 -55.65
N PRO E 218 -19.75 11.77 -55.78
CA PRO E 218 -20.47 12.20 -56.98
C PRO E 218 -19.57 12.26 -58.20
N GLY E 219 -19.36 11.11 -58.84
CA GLY E 219 -18.54 11.07 -60.04
C GLY E 219 -17.66 9.84 -60.11
N ALA E 220 -17.70 9.01 -59.08
CA ALA E 220 -16.91 7.80 -59.04
C ALA E 220 -17.62 6.66 -59.77
N SER E 221 -16.83 5.70 -60.22
CA SER E 221 -17.36 4.53 -60.91
C SER E 221 -17.50 3.31 -60.01
N HIS E 222 -16.46 3.00 -59.25
CA HIS E 222 -16.46 1.86 -58.35
C HIS E 222 -15.98 2.29 -56.96
N ILE E 223 -16.53 1.65 -55.94
CA ILE E 223 -16.18 1.93 -54.55
C ILE E 223 -15.52 0.68 -53.98
N HIS E 224 -14.26 0.80 -53.59
CA HIS E 224 -13.50 -0.33 -53.04
C HIS E 224 -13.74 -0.38 -51.53
N PHE E 225 -14.64 -1.26 -51.11
CA PHE E 225 -14.97 -1.42 -49.70
C PHE E 225 -14.05 -2.47 -49.08
N SER E 226 -13.19 -2.03 -48.17
CA SER E 226 -12.32 -2.92 -47.42
C SER E 226 -12.63 -2.80 -45.94
N PHE E 227 -12.42 -3.89 -45.21
CA PHE E 227 -12.67 -3.94 -43.77
C PHE E 227 -11.38 -4.26 -43.03
N PRO E 228 -10.57 -3.26 -42.70
CA PRO E 228 -9.37 -3.51 -41.91
C PRO E 228 -9.63 -4.00 -40.49
N LEU E 229 -10.87 -3.96 -40.02
CA LEU E 229 -11.20 -4.41 -38.67
C LEU E 229 -12.65 -4.83 -38.64
N PHE E 230 -12.92 -6.06 -38.23
CA PHE E 230 -14.29 -6.57 -38.20
C PHE E 230 -14.54 -7.38 -36.93
N ASP E 231 -14.14 -6.85 -35.78
CA ASP E 231 -14.46 -7.53 -34.53
C ASP E 231 -15.95 -7.42 -34.23
N ILE E 232 -16.75 -8.17 -34.99
CA ILE E 232 -18.20 -8.09 -34.92
C ILE E 232 -18.76 -9.44 -34.48
N ARG E 233 -18.03 -10.14 -33.63
CA ARG E 233 -18.33 -11.53 -33.33
C ARG E 233 -19.65 -11.66 -32.59
N ASP E 234 -20.72 -11.92 -33.36
CA ASP E 234 -22.07 -12.10 -32.84
C ASP E 234 -22.92 -12.59 -34.02
N SER E 235 -24.21 -12.74 -33.78
CA SER E 235 -25.12 -13.23 -34.80
C SER E 235 -26.10 -12.15 -35.27
N ALA E 236 -26.85 -11.54 -34.36
CA ALA E 236 -27.85 -10.56 -34.77
C ALA E 236 -27.19 -9.29 -35.28
N ASP E 237 -26.14 -8.83 -34.63
CA ASP E 237 -25.42 -7.63 -35.04
C ASP E 237 -24.76 -7.88 -36.39
N MET E 238 -25.23 -7.19 -37.42
CA MET E 238 -24.74 -7.39 -38.78
C MET E 238 -24.43 -6.05 -39.43
N VAL E 239 -23.50 -6.09 -40.38
CA VAL E 239 -23.12 -4.91 -41.16
C VAL E 239 -23.50 -5.18 -42.61
N GLU E 240 -24.43 -4.39 -43.14
CA GLU E 240 -24.91 -4.56 -44.50
C GLU E 240 -24.48 -3.38 -45.36
N LEU E 241 -24.10 -3.66 -46.60
CA LEU E 241 -23.79 -2.62 -47.58
C LEU E 241 -25.01 -2.46 -48.48
N LEU E 242 -26.00 -1.73 -48.00
CA LEU E 242 -27.20 -1.46 -48.79
C LEU E 242 -26.85 -0.57 -49.98
N ASP E 243 -27.60 -0.73 -51.05
CA ASP E 243 -27.39 0.05 -52.26
C ASP E 243 -27.85 1.48 -52.00
N GLY E 244 -27.83 2.30 -53.05
CA GLY E 244 -28.19 3.69 -52.94
C GLY E 244 -29.59 3.95 -53.42
N TYR E 245 -29.71 4.37 -54.69
CA TYR E 245 -31.00 4.65 -55.29
C TYR E 245 -32.01 3.53 -55.04
N THR E 246 -31.57 2.28 -55.13
CA THR E 246 -32.48 1.16 -54.99
C THR E 246 -32.65 0.71 -53.54
N HIS E 247 -31.68 1.00 -52.67
CA HIS E 247 -31.72 0.58 -51.27
C HIS E 247 -31.88 -0.94 -51.15
N ARG E 248 -31.10 -1.65 -51.96
CA ARG E 248 -31.10 -3.11 -51.96
C ARG E 248 -29.80 -3.63 -51.35
N VAL E 249 -29.90 -4.73 -50.61
CA VAL E 249 -28.73 -5.29 -49.95
C VAL E 249 -27.76 -5.82 -51.00
N LEU E 250 -26.49 -5.45 -50.86
CA LEU E 250 -25.44 -5.94 -51.75
C LEU E 250 -24.49 -6.93 -51.08
N ALA E 251 -24.23 -6.76 -49.79
CA ALA E 251 -23.36 -7.67 -49.06
C ALA E 251 -23.70 -7.57 -47.58
N ARG E 252 -24.05 -8.70 -46.98
CA ARG E 252 -24.40 -8.75 -45.57
C ARG E 252 -23.30 -9.48 -44.82
N PHE E 253 -22.77 -8.83 -43.78
CA PHE E 253 -21.66 -9.36 -43.01
C PHE E 253 -22.03 -9.46 -41.55
N HIS E 254 -21.70 -10.59 -40.93
CA HIS E 254 -21.91 -10.78 -39.50
C HIS E 254 -20.82 -11.72 -38.99
N GLY E 255 -21.05 -12.32 -37.84
CA GLY E 255 -20.10 -13.22 -37.23
C GLY E 255 -19.51 -14.26 -38.17
N ARG E 256 -20.34 -15.19 -38.65
CA ARG E 256 -19.86 -16.16 -39.63
C ARG E 256 -20.12 -15.68 -41.05
N SER E 257 -19.83 -14.41 -41.31
CA SER E 257 -19.94 -13.83 -42.65
C SER E 257 -18.83 -12.82 -42.91
N ARG E 258 -17.66 -13.05 -42.34
CA ARG E 258 -16.60 -12.07 -42.35
C ARG E 258 -16.31 -11.62 -43.78
N PRO E 259 -16.02 -10.34 -44.00
CA PRO E 259 -16.06 -9.78 -45.35
C PRO E 259 -14.80 -10.11 -46.12
N PRO E 260 -14.87 -10.09 -47.45
CA PRO E 260 -13.66 -10.29 -48.26
C PRO E 260 -12.76 -9.07 -48.18
N LEU E 261 -11.58 -9.20 -48.78
CA LEU E 261 -10.61 -8.12 -48.71
C LEU E 261 -11.10 -6.87 -49.43
N SER E 262 -11.96 -7.02 -50.43
CA SER E 262 -12.52 -5.86 -51.12
C SER E 262 -13.85 -6.28 -51.76
N PHE E 263 -14.96 -5.87 -51.13
CA PHE E 263 -16.28 -6.09 -51.70
C PHE E 263 -16.67 -4.89 -52.56
N ASN E 264 -15.98 -4.79 -53.69
CA ASN E 264 -16.18 -3.65 -54.59
C ASN E 264 -17.61 -3.61 -55.11
N VAL E 265 -18.11 -2.40 -55.29
CA VAL E 265 -19.43 -2.16 -55.84
C VAL E 265 -19.31 -1.19 -57.00
N SER E 266 -20.15 -1.37 -58.00
CA SER E 266 -20.15 -0.52 -59.18
C SER E 266 -21.04 0.70 -59.02
N LEU E 267 -21.71 0.85 -57.88
CA LEU E 267 -22.58 1.99 -57.64
C LEU E 267 -21.81 3.11 -56.95
N ASP E 268 -22.01 4.33 -57.43
CA ASP E 268 -21.41 5.52 -56.84
C ASP E 268 -22.19 6.05 -55.65
N PHE E 269 -23.07 5.23 -55.07
CA PHE E 269 -23.93 5.65 -53.98
C PHE E 269 -24.24 4.39 -53.17
N VAL E 270 -23.53 4.22 -52.05
CA VAL E 270 -23.68 3.06 -51.20
C VAL E 270 -24.14 3.53 -49.83
N ILE E 271 -24.89 2.68 -49.14
CA ILE E 271 -25.42 2.97 -47.81
C ILE E 271 -24.90 1.89 -46.88
N LEU E 272 -23.92 2.25 -46.05
CA LEU E 272 -23.37 1.32 -45.07
C LEU E 272 -24.35 1.20 -43.91
N TYR E 273 -24.92 0.03 -43.75
CA TYR E 273 -25.90 -0.24 -42.71
C TYR E 273 -25.26 -1.00 -41.56
N PHE E 274 -25.74 -0.73 -40.35
CA PHE E 274 -25.27 -1.44 -39.16
C PHE E 274 -26.46 -1.80 -38.29
N PHE E 275 -26.43 -2.99 -37.72
CA PHE E 275 -27.44 -3.43 -36.79
C PHE E 275 -26.76 -3.91 -35.51
N SER E 276 -27.46 -3.76 -34.39
CA SER E 276 -26.95 -4.19 -33.10
C SER E 276 -28.08 -4.79 -32.29
N ASP E 277 -27.83 -5.98 -31.74
CA ASP E 277 -28.81 -6.63 -30.90
C ASP E 277 -28.90 -5.94 -29.55
N ARG E 278 -29.72 -6.50 -28.67
CA ARG E 278 -29.82 -6.00 -27.30
C ARG E 278 -28.76 -6.60 -26.38
N ILE E 279 -27.94 -7.52 -26.89
CA ILE E 279 -26.90 -8.18 -26.10
C ILE E 279 -25.72 -8.50 -27.00
N ASN E 280 -24.63 -8.95 -26.38
CA ASN E 280 -23.44 -9.42 -27.09
C ASN E 280 -22.87 -8.34 -28.01
N GLN E 281 -22.39 -7.27 -27.39
CA GLN E 281 -21.72 -6.19 -28.10
C GLN E 281 -20.22 -6.46 -28.18
N ALA E 282 -19.63 -6.18 -29.34
CA ALA E 282 -18.23 -6.46 -29.60
C ALA E 282 -17.49 -5.15 -29.91
N GLN E 283 -16.23 -5.28 -30.33
CA GLN E 283 -15.39 -4.12 -30.55
C GLN E 283 -15.85 -3.27 -31.74
N GLY E 284 -16.55 -3.87 -32.68
CA GLY E 284 -17.04 -3.14 -33.83
C GLY E 284 -16.23 -3.42 -35.08
N PHE E 285 -16.46 -2.58 -36.08
CA PHE E 285 -15.77 -2.69 -37.35
C PHE E 285 -15.15 -1.34 -37.71
N ALA E 286 -14.38 -1.35 -38.79
CA ALA E 286 -13.78 -0.13 -39.33
C ALA E 286 -13.66 -0.32 -40.84
N VAL E 287 -14.66 0.18 -41.57
CA VAL E 287 -14.65 0.03 -43.02
C VAL E 287 -13.82 1.15 -43.65
N LEU E 288 -13.30 0.88 -44.84
CA LEU E 288 -12.50 1.84 -45.58
C LEU E 288 -12.90 1.77 -47.05
N TYR E 289 -13.41 2.87 -47.59
CA TYR E 289 -13.82 2.93 -48.98
C TYR E 289 -12.87 3.82 -49.77
N GLN E 290 -12.64 3.43 -51.02
CA GLN E 290 -11.77 4.18 -51.93
C GLN E 290 -12.49 4.29 -53.27
N ALA E 291 -12.86 5.51 -53.64
CA ALA E 291 -13.62 5.75 -54.85
C ALA E 291 -12.68 5.87 -56.05
N VAL E 292 -12.94 5.10 -57.09
CA VAL E 292 -12.18 5.12 -58.33
C VAL E 292 -13.05 5.77 -59.39
N LYS E 293 -12.63 6.92 -59.91
CA LYS E 293 -13.41 7.66 -60.88
C LYS E 293 -13.58 6.87 -62.17
C1 STE F . 2.13 9.38 -1.44
O1 STE F . 1.16 9.22 -0.65
O2 STE F . 2.19 8.89 -2.60
C2 STE F . 3.32 10.22 -0.96
C3 STE F . 3.16 11.71 -1.14
C4 STE F . 3.19 12.50 0.17
C5 STE F . 4.39 13.40 0.31
C6 STE F . 4.18 14.52 1.28
C7 STE F . 5.44 14.95 1.98
C8 STE F . 6.31 15.85 1.16
C9 STE F . 5.90 17.29 1.19
C10 STE F . 5.83 17.91 -0.16
C11 STE F . 7.16 18.39 -0.68
C12 STE F . 7.23 19.79 -1.25
C13 STE F . 8.61 20.14 -1.69
C14 STE F . 8.82 21.53 -2.23
C15 STE F . 10.29 21.87 -2.52
C16 STE F . 10.61 23.34 -2.66
C17 STE F . 11.48 23.75 -3.81
C18 STE F . 11.65 25.26 -3.86
C1 MYR G . 23.89 23.39 33.51
O1 MYR G . 25.03 22.97 33.83
O2 MYR G . 23.19 24.03 34.34
C2 MYR G . 23.35 23.12 32.10
C3 MYR G . 23.17 24.41 31.29
C4 MYR G . 24.51 25.01 30.85
C5 MYR G . 24.93 26.19 31.74
C6 MYR G . 25.23 27.45 30.92
C7 MYR G . 23.97 28.16 30.46
C8 MYR G . 23.97 28.43 28.95
C9 MYR G . 22.90 29.43 28.54
C10 MYR G . 23.14 29.99 27.15
C11 MYR G . 24.05 31.23 27.17
C12 MYR G . 24.31 31.78 25.77
C13 MYR G . 25.33 32.91 25.78
C14 MYR G . 25.71 33.37 24.37
C1 NAG H . 14.51 -4.88 -37.99
C2 NAG H . 16.02 -4.98 -37.83
C3 NAG H . 16.70 -4.94 -39.18
C4 NAG H . 16.12 -6.01 -40.10
C5 NAG H . 14.61 -5.90 -40.15
C6 NAG H . 13.96 -7.04 -40.92
C7 NAG H . 16.82 -4.10 -35.68
C8 NAG H . 17.32 -2.89 -34.95
N2 NAG H . 16.52 -3.91 -36.97
O3 NAG H . 18.10 -5.14 -39.02
O4 NAG H . 16.66 -5.88 -41.40
O5 NAG H . 14.06 -5.94 -38.83
O6 NAG H . 14.44 -7.11 -42.26
O7 NAG H . 16.69 -5.18 -35.13
C1 NAG I . 14.00 -15.50 -33.03
C2 NAG I . 15.30 -16.27 -32.86
C3 NAG I . 16.38 -15.69 -33.75
C4 NAG I . 15.89 -15.64 -35.20
C5 NAG I . 14.57 -14.88 -35.27
C6 NAG I . 13.96 -14.88 -36.66
C7 NAG I . 15.50 -17.29 -30.63
C8 NAG I . 16.03 -17.12 -29.24
N2 NAG I . 15.73 -16.28 -31.47
O3 NAG I . 17.56 -16.47 -33.67
O4 NAG I . 16.86 -14.98 -36.01
O5 NAG I . 13.61 -15.50 -34.40
O6 NAG I . 13.86 -16.18 -37.20
O7 NAG I . 14.89 -18.29 -30.98
#